data_8XE5
#
_entry.id   8XE5
#
_cell.length_a   64.328
_cell.length_b   79.901
_cell.length_c   91.286
_cell.angle_alpha   90.000
_cell.angle_beta   93.862
_cell.angle_gamma   90.000
#
_symmetry.space_group_name_H-M   'P 1 21 1'
#
loop_
_entity.id
_entity.type
_entity.pdbx_description
1 polymer "Norbelladine 4'-O-methyltransferase"
2 non-polymer 'MAGNESIUM ION'
3 non-polymer S-ADENOSYL-L-HOMOCYSTEINE
4 non-polymer 'Protocatechuic aldehyde'
5 non-polymer GLYCEROL
6 water water
#
_entity_poly.entity_id   1
_entity_poly.type   'polypeptide(L)'
_entity_poly.pdbx_seq_one_letter_code
;GPGMGASIDDYSLVHKNILHSEDLLKYILETSAYPREHEQLKGLREVTEKHEWSSALVPADEGLFLSMLLKLMNAKRTIE
IGVYTGYSLLTTALALPEDGKITAIDVNKSYYEIGLPFIQKAGVEHKINFIESEALPVLDQMLEEMKEEDLYDYAFVDAD
KSNYANYHERLVKLVRIGGAILYDNTLWYGSVAYPEYPGLHPEEEVARLSFRNLNTFLAADPRVEISQVSIGDGVTICRR
LY
;
_entity_poly.pdbx_strand_id   A,B,C,D
#
# COMPACT_ATOMS: atom_id res chain seq x y z
N GLY A 1 -15.88 -36.42 -10.02
CA GLY A 1 -14.97 -35.41 -9.51
C GLY A 1 -14.89 -35.41 -7.99
N PRO A 2 -14.18 -34.42 -7.43
CA PRO A 2 -14.08 -34.34 -5.97
C PRO A 2 -15.42 -34.16 -5.28
N GLY A 3 -16.33 -33.41 -5.88
CA GLY A 3 -17.64 -33.22 -5.27
C GLY A 3 -18.49 -34.48 -5.33
N MET A 4 -18.59 -35.07 -6.52
CA MET A 4 -19.39 -36.27 -6.72
C MET A 4 -19.04 -36.86 -8.08
N GLY A 5 -19.27 -38.17 -8.21
CA GLY A 5 -19.08 -38.83 -9.49
C GLY A 5 -17.95 -39.84 -9.54
N ALA A 6 -17.06 -39.68 -10.51
CA ALA A 6 -16.09 -40.70 -10.82
C ALA A 6 -14.88 -40.62 -9.89
N SER A 7 -14.12 -41.70 -9.86
CA SER A 7 -12.89 -41.78 -9.09
C SER A 7 -11.80 -40.92 -9.72
N ILE A 8 -10.76 -40.65 -8.93
CA ILE A 8 -9.56 -40.02 -9.48
C ILE A 8 -8.85 -40.98 -10.42
N ASP A 9 -9.07 -42.29 -10.26
CA ASP A 9 -8.45 -43.28 -11.13
C ASP A 9 -8.76 -43.01 -12.60
N ASP A 10 -9.98 -42.58 -12.89
CA ASP A 10 -10.45 -42.43 -14.26
C ASP A 10 -10.05 -41.11 -14.90
N TYR A 11 -9.44 -40.19 -14.15
CA TYR A 11 -9.00 -38.93 -14.72
C TYR A 11 -7.64 -39.10 -15.40
N SER A 12 -7.47 -38.45 -16.55
CA SER A 12 -6.30 -38.65 -17.38
C SER A 12 -5.49 -37.38 -17.63
N LEU A 13 -5.98 -36.21 -17.23
CA LEU A 13 -5.30 -34.95 -17.51
C LEU A 13 -4.51 -34.42 -16.31
N VAL A 14 -4.55 -35.10 -15.17
CA VAL A 14 -4.13 -34.49 -13.91
C VAL A 14 -2.64 -34.18 -13.89
N HIS A 15 -1.83 -34.93 -14.63
CA HIS A 15 -0.39 -34.75 -14.59
C HIS A 15 0.15 -33.81 -15.66
N LYS A 16 -0.72 -33.20 -16.45
CA LYS A 16 -0.29 -32.31 -17.51
C LYS A 16 -0.23 -30.86 -17.01
N ASN A 17 0.45 -30.03 -17.79
CA ASN A 17 0.53 -28.60 -17.49
C ASN A 17 0.56 -27.83 -18.79
N ILE A 18 0.02 -26.61 -18.75
CA ILE A 18 -0.07 -25.80 -19.96
C ILE A 18 1.26 -25.13 -20.31
N LEU A 19 2.20 -25.06 -19.37
CA LEU A 19 3.51 -24.50 -19.67
C LEU A 19 4.38 -25.54 -20.38
N HIS A 20 5.43 -25.04 -21.05
CA HIS A 20 6.23 -25.92 -21.90
C HIS A 20 7.07 -26.91 -21.11
N SER A 21 7.26 -26.70 -19.81
CA SER A 21 8.14 -27.55 -19.03
C SER A 21 7.76 -27.46 -17.56
N GLU A 22 7.94 -28.57 -16.85
CA GLU A 22 7.78 -28.54 -15.40
C GLU A 22 8.90 -27.74 -14.75
N ASP A 23 10.07 -27.65 -15.39
CA ASP A 23 11.17 -26.87 -14.86
C ASP A 23 10.81 -25.38 -14.80
N LEU A 24 10.13 -24.88 -15.83
CA LEU A 24 9.70 -23.49 -15.81
C LEU A 24 8.66 -23.26 -14.71
N LEU A 25 7.71 -24.18 -14.57
CA LEU A 25 6.73 -24.07 -13.48
C LEU A 25 7.41 -24.13 -12.13
N LYS A 26 8.34 -25.08 -11.96
CA LYS A 26 9.06 -25.20 -10.70
C LYS A 26 9.83 -23.92 -10.39
N TYR A 27 10.42 -23.30 -11.42
CA TYR A 27 11.12 -22.04 -11.20
C TYR A 27 10.18 -20.96 -10.70
N ILE A 28 9.01 -20.84 -11.33
CA ILE A 28 8.05 -19.81 -10.93
C ILE A 28 7.63 -20.02 -9.48
N LEU A 29 7.34 -21.27 -9.11
CA LEU A 29 6.87 -21.55 -7.76
C LEU A 29 7.96 -21.32 -6.73
N GLU A 30 9.19 -21.79 -7.03
CA GLU A 30 10.26 -21.68 -6.05
C GLU A 30 10.79 -20.25 -5.95
N THR A 31 10.79 -19.51 -7.06
CA THR A 31 11.31 -18.15 -7.05
C THR A 31 10.26 -17.12 -6.63
N SER A 32 9.03 -17.25 -7.12
CA SER A 32 8.04 -16.19 -7.01
C SER A 32 6.84 -16.52 -6.14
N ALA A 33 6.52 -17.80 -5.93
CA ALA A 33 5.29 -18.17 -5.21
C ALA A 33 5.56 -18.56 -3.76
N TYR A 34 6.34 -19.62 -3.54
CA TYR A 34 6.58 -20.09 -2.17
C TYR A 34 7.20 -19.03 -1.27
N PRO A 35 8.17 -18.21 -1.69
CA PRO A 35 8.68 -17.16 -0.80
C PRO A 35 7.64 -16.13 -0.39
N ARG A 36 6.53 -16.02 -1.13
CA ARG A 36 5.46 -15.09 -0.80
C ARG A 36 4.23 -15.78 -0.26
N GLU A 37 4.28 -17.10 -0.06
CA GLU A 37 3.14 -17.86 0.42
C GLU A 37 3.01 -17.74 1.93
N HIS A 38 1.81 -17.37 2.39
CA HIS A 38 1.54 -17.32 3.82
C HIS A 38 1.82 -18.67 4.47
N GLU A 39 2.27 -18.63 5.73
CA GLU A 39 2.64 -19.85 6.42
C GLU A 39 1.48 -20.83 6.51
N GLN A 40 0.27 -20.31 6.72
CA GLN A 40 -0.90 -21.18 6.80
C GLN A 40 -1.32 -21.69 5.42
N LEU A 41 -1.09 -20.91 4.37
CA LEU A 41 -1.34 -21.42 3.01
C LEU A 41 -0.37 -22.55 2.68
N LYS A 42 0.88 -22.43 3.12
CA LYS A 42 1.84 -23.51 2.92
C LYS A 42 1.40 -24.77 3.66
N GLY A 43 0.97 -24.62 4.91
CA GLY A 43 0.48 -25.78 5.65
C GLY A 43 -0.77 -26.38 5.02
N LEU A 44 -1.71 -25.53 4.58
CA LEU A 44 -2.90 -26.03 3.92
C LEU A 44 -2.56 -26.77 2.65
N ARG A 45 -1.61 -26.24 1.86
CA ARG A 45 -1.23 -26.90 0.62
C ARG A 45 -0.57 -28.24 0.87
N GLU A 46 0.30 -28.32 1.89
CA GLU A 46 1.08 -29.53 2.11
C GLU A 46 0.20 -30.70 2.54
N VAL A 47 -0.83 -30.44 3.35
CA VAL A 47 -1.75 -31.52 3.70
C VAL A 47 -2.65 -31.86 2.53
N THR A 48 -2.99 -30.86 1.70
CA THR A 48 -3.85 -31.12 0.55
C THR A 48 -3.12 -31.91 -0.52
N GLU A 49 -1.80 -31.75 -0.64
CA GLU A 49 -1.03 -32.51 -1.61
C GLU A 49 -1.12 -34.02 -1.37
N LYS A 50 -1.41 -34.44 -0.15
CA LYS A 50 -1.57 -35.85 0.17
C LYS A 50 -3.01 -36.33 0.08
N HIS A 51 -3.95 -35.45 -0.23
CA HIS A 51 -5.33 -35.84 -0.42
C HIS A 51 -5.52 -36.50 -1.78
N GLU A 52 -6.57 -37.31 -1.89
CA GLU A 52 -6.83 -38.04 -3.13
C GLU A 52 -7.12 -37.10 -4.28
N TRP A 53 -7.72 -35.94 -4.01
CA TRP A 53 -8.06 -34.97 -5.04
C TRP A 53 -7.09 -33.79 -5.05
N SER A 54 -5.81 -34.07 -4.84
CA SER A 54 -4.80 -33.02 -4.86
C SER A 54 -4.79 -32.27 -6.18
N SER A 55 -5.16 -32.94 -7.28
CA SER A 55 -5.09 -32.32 -8.60
C SER A 55 -6.03 -31.13 -8.75
N ALA A 56 -7.08 -31.06 -7.92
CA ALA A 56 -8.03 -29.96 -8.00
C ALA A 56 -7.56 -28.70 -7.26
N LEU A 57 -6.40 -28.76 -6.61
CA LEU A 57 -5.94 -27.67 -5.77
C LEU A 57 -5.43 -26.50 -6.60
N VAL A 58 -5.86 -25.29 -6.26
CA VAL A 58 -5.36 -24.09 -6.94
C VAL A 58 -3.88 -23.92 -6.62
N PRO A 59 -3.02 -23.79 -7.63
CA PRO A 59 -1.57 -23.72 -7.37
C PRO A 59 -1.18 -22.40 -6.71
N ALA A 60 0.05 -22.38 -6.22
CA ALA A 60 0.52 -21.25 -5.41
C ALA A 60 0.72 -20.01 -6.25
N ASP A 61 1.21 -20.15 -7.48
CA ASP A 61 1.42 -18.98 -8.32
C ASP A 61 0.10 -18.34 -8.73
N GLU A 62 -0.92 -19.16 -9.01
CA GLU A 62 -2.24 -18.61 -9.28
C GLU A 62 -2.85 -17.97 -8.04
N GLY A 63 -2.58 -18.56 -6.86
CA GLY A 63 -3.10 -17.99 -5.63
C GLY A 63 -2.67 -16.56 -5.42
N LEU A 64 -1.37 -16.28 -5.61
CA LEU A 64 -0.89 -14.92 -5.49
C LEU A 64 -1.48 -14.02 -6.57
N PHE A 65 -1.83 -14.59 -7.72
CA PHE A 65 -2.48 -13.81 -8.77
C PHE A 65 -3.89 -13.41 -8.34
N LEU A 66 -4.65 -14.35 -7.78
CA LEU A 66 -5.97 -14.02 -7.25
C LEU A 66 -5.88 -12.98 -6.14
N SER A 67 -4.88 -13.11 -5.26
CA SER A 67 -4.73 -12.15 -4.17
C SER A 67 -4.39 -10.77 -4.71
N MET A 68 -3.57 -10.69 -5.75
CA MET A 68 -3.21 -9.39 -6.32
C MET A 68 -4.42 -8.70 -6.92
N LEU A 69 -5.26 -9.45 -7.65
CA LEU A 69 -6.47 -8.87 -8.23
C LEU A 69 -7.39 -8.32 -7.15
N LEU A 70 -7.54 -9.06 -6.04
CA LEU A 70 -8.44 -8.63 -4.98
C LEU A 70 -7.99 -7.32 -4.37
N LYS A 71 -6.69 -7.11 -4.23
CA LYS A 71 -6.18 -5.91 -3.59
C LYS A 71 -6.15 -4.73 -4.55
N LEU A 72 -5.82 -4.98 -5.81
CA LEU A 72 -5.79 -3.89 -6.79
C LEU A 72 -7.18 -3.32 -7.05
N MET A 73 -8.22 -4.15 -6.94
CA MET A 73 -9.59 -3.68 -7.13
C MET A 73 -10.27 -3.30 -5.82
N ASN A 74 -9.57 -3.43 -4.69
N ASN A 74 -9.58 -3.44 -4.68
CA ASN A 74 -10.11 -3.07 -3.38
CA ASN A 74 -10.11 -3.06 -3.37
C ASN A 74 -11.40 -3.81 -3.09
C ASN A 74 -11.40 -3.81 -3.05
N ALA A 75 -11.38 -5.12 -3.30
CA ALA A 75 -12.56 -5.94 -3.04
C ALA A 75 -12.83 -6.04 -1.54
N LYS A 76 -14.11 -6.11 -1.20
CA LYS A 76 -14.54 -6.24 0.18
C LYS A 76 -15.53 -7.36 0.40
N ARG A 77 -16.50 -7.55 -0.49
CA ARG A 77 -17.45 -8.64 -0.39
C ARG A 77 -17.29 -9.55 -1.60
N THR A 78 -16.95 -10.82 -1.34
CA THR A 78 -16.67 -11.78 -2.40
C THR A 78 -17.49 -13.04 -2.17
N ILE A 79 -17.59 -13.84 -3.23
CA ILE A 79 -18.25 -15.14 -3.17
C ILE A 79 -17.30 -16.17 -3.78
N GLU A 80 -17.14 -17.30 -3.08
CA GLU A 80 -16.22 -18.36 -3.47
C GLU A 80 -17.02 -19.63 -3.73
N ILE A 81 -17.04 -20.07 -4.99
CA ILE A 81 -17.82 -21.21 -5.42
C ILE A 81 -16.87 -22.35 -5.73
N GLY A 82 -16.86 -23.37 -4.88
CA GLY A 82 -15.91 -24.45 -5.00
C GLY A 82 -14.73 -24.25 -4.06
N VAL A 83 -14.84 -24.76 -2.85
CA VAL A 83 -13.90 -24.46 -1.78
C VAL A 83 -12.82 -25.54 -1.66
N TYR A 84 -13.22 -26.81 -1.66
CA TYR A 84 -12.31 -27.94 -1.45
C TYR A 84 -11.66 -27.74 -0.08
N THR A 85 -10.33 -27.82 0.04
CA THR A 85 -9.68 -27.63 1.32
C THR A 85 -9.50 -26.16 1.69
N GLY A 86 -9.79 -25.24 0.78
CA GLY A 86 -9.85 -23.84 1.11
C GLY A 86 -8.61 -23.02 0.80
N TYR A 87 -7.77 -23.44 -0.15
CA TYR A 87 -6.58 -22.66 -0.48
C TYR A 87 -6.95 -21.32 -1.12
N SER A 88 -7.82 -21.35 -2.12
CA SER A 88 -8.29 -20.10 -2.72
C SER A 88 -9.12 -19.29 -1.74
N LEU A 89 -9.86 -19.98 -0.86
CA LEU A 89 -10.66 -19.27 0.15
C LEU A 89 -9.78 -18.58 1.18
N LEU A 90 -8.73 -19.25 1.64
CA LEU A 90 -7.81 -18.63 2.59
C LEU A 90 -7.02 -17.50 1.92
N THR A 91 -6.66 -17.67 0.64
CA THR A 91 -6.01 -16.60 -0.10
C THR A 91 -6.88 -15.35 -0.14
N THR A 92 -8.17 -15.53 -0.41
CA THR A 92 -9.09 -14.40 -0.45
C THR A 92 -9.22 -13.75 0.92
N ALA A 93 -9.43 -14.56 1.97
CA ALA A 93 -9.62 -14.02 3.30
C ALA A 93 -8.39 -13.27 3.79
N LEU A 94 -7.20 -13.70 3.39
CA LEU A 94 -5.98 -12.98 3.78
C LEU A 94 -5.83 -11.68 3.00
N ALA A 95 -6.32 -11.64 1.76
CA ALA A 95 -6.16 -10.45 0.93
C ALA A 95 -7.17 -9.36 1.27
N LEU A 96 -8.37 -9.74 1.70
CA LEU A 96 -9.40 -8.77 1.99
C LEU A 96 -9.05 -7.97 3.25
N PRO A 97 -9.62 -6.77 3.39
CA PRO A 97 -9.49 -6.05 4.67
C PRO A 97 -10.16 -6.84 5.79
N GLU A 98 -9.85 -6.44 7.03
CA GLU A 98 -10.33 -7.20 8.17
C GLU A 98 -11.85 -7.17 8.31
N ASP A 99 -12.51 -6.18 7.71
CA ASP A 99 -13.97 -6.15 7.65
C ASP A 99 -14.52 -6.77 6.38
N GLY A 100 -13.68 -7.46 5.61
CA GLY A 100 -14.17 -8.15 4.43
C GLY A 100 -14.99 -9.37 4.79
N LYS A 101 -15.92 -9.72 3.89
CA LYS A 101 -16.81 -10.85 4.10
C LYS A 101 -16.85 -11.72 2.85
N ILE A 102 -16.82 -13.03 3.05
CA ILE A 102 -16.83 -14.01 1.97
C ILE A 102 -18.01 -14.94 2.16
N THR A 103 -18.71 -15.22 1.08
CA THR A 103 -19.69 -16.30 1.03
C THR A 103 -19.04 -17.47 0.29
N ALA A 104 -18.77 -18.55 1.01
CA ALA A 104 -18.12 -19.74 0.47
C ALA A 104 -19.13 -20.87 0.35
N ILE A 105 -19.22 -21.47 -0.83
CA ILE A 105 -20.19 -22.52 -1.11
C ILE A 105 -19.45 -23.75 -1.62
N ASP A 106 -19.71 -24.89 -0.99
CA ASP A 106 -19.19 -26.16 -1.46
C ASP A 106 -20.12 -27.28 -1.01
N VAL A 107 -20.26 -28.29 -1.87
CA VAL A 107 -21.12 -29.43 -1.58
C VAL A 107 -20.55 -30.34 -0.50
N ASN A 108 -19.28 -30.19 -0.16
CA ASN A 108 -18.59 -31.08 0.78
C ASN A 108 -17.88 -30.24 1.83
N LYS A 109 -18.47 -30.12 3.02
CA LYS A 109 -17.83 -29.38 4.10
C LYS A 109 -16.68 -30.16 4.72
N SER A 110 -16.64 -31.49 4.55
CA SER A 110 -15.54 -32.27 5.09
C SER A 110 -14.21 -31.85 4.48
N TYR A 111 -14.21 -31.53 3.19
CA TYR A 111 -13.02 -30.96 2.56
C TYR A 111 -12.63 -29.64 3.23
N TYR A 112 -13.62 -28.78 3.48
CA TYR A 112 -13.36 -27.47 4.07
C TYR A 112 -12.77 -27.60 5.47
N GLU A 113 -13.22 -28.59 6.23
CA GLU A 113 -12.71 -28.78 7.59
C GLU A 113 -11.28 -29.29 7.61
N ILE A 114 -10.76 -29.76 6.47
CA ILE A 114 -9.34 -30.11 6.41
C ILE A 114 -8.48 -28.86 6.52
N GLY A 115 -8.86 -27.80 5.79
CA GLY A 115 -8.12 -26.56 5.82
C GLY A 115 -8.56 -25.56 6.87
N LEU A 116 -9.70 -25.81 7.52
CA LEU A 116 -10.19 -24.92 8.56
C LEU A 116 -9.17 -24.64 9.67
N PRO A 117 -8.39 -25.60 10.18
CA PRO A 117 -7.39 -25.25 11.19
C PRO A 117 -6.40 -24.21 10.73
N PHE A 118 -6.02 -24.23 9.46
CA PHE A 118 -5.08 -23.23 8.96
C PHE A 118 -5.75 -21.87 8.78
N ILE A 119 -7.02 -21.87 8.38
CA ILE A 119 -7.76 -20.61 8.28
C ILE A 119 -7.91 -19.99 9.66
N GLN A 120 -8.17 -20.82 10.68
CA GLN A 120 -8.32 -20.30 12.04
C GLN A 120 -6.99 -19.80 12.58
N LYS A 121 -5.91 -20.53 12.34
CA LYS A 121 -4.58 -20.06 12.76
C LYS A 121 -4.21 -18.75 12.09
N ALA A 122 -4.68 -18.53 10.86
CA ALA A 122 -4.45 -17.27 10.19
C ALA A 122 -5.27 -16.13 10.78
N GLY A 123 -6.34 -16.45 11.51
CA GLY A 123 -7.15 -15.43 12.15
C GLY A 123 -8.13 -14.73 11.24
N VAL A 124 -8.65 -15.42 10.21
CA VAL A 124 -9.52 -14.79 9.22
C VAL A 124 -10.80 -15.59 9.05
N GLU A 125 -11.08 -16.53 9.95
CA GLU A 125 -12.32 -17.30 9.84
C GLU A 125 -13.54 -16.40 10.01
N HIS A 126 -13.43 -15.33 10.79
CA HIS A 126 -14.56 -14.44 11.01
C HIS A 126 -15.05 -13.79 9.71
N LYS A 127 -14.24 -13.81 8.65
CA LYS A 127 -14.66 -13.27 7.37
C LYS A 127 -15.48 -14.26 6.55
N ILE A 128 -15.49 -15.54 6.91
CA ILE A 128 -16.03 -16.60 6.07
C ILE A 128 -17.41 -17.02 6.59
N ASN A 129 -18.38 -17.04 5.69
CA ASN A 129 -19.68 -17.67 5.91
C ASN A 129 -19.75 -18.85 4.94
N PHE A 130 -19.47 -20.05 5.45
CA PHE A 130 -19.45 -21.24 4.62
C PHE A 130 -20.86 -21.84 4.52
N ILE A 131 -21.25 -22.19 3.30
CA ILE A 131 -22.56 -22.79 3.03
C ILE A 131 -22.31 -24.15 2.39
N GLU A 132 -22.76 -25.21 3.05
CA GLU A 132 -22.65 -26.56 2.51
C GLU A 132 -23.90 -26.87 1.71
N SER A 133 -23.80 -26.80 0.39
CA SER A 133 -24.91 -27.06 -0.52
C SER A 133 -24.38 -27.01 -1.94
N GLU A 134 -25.20 -27.49 -2.88
CA GLU A 134 -24.93 -27.24 -4.28
C GLU A 134 -25.03 -25.75 -4.56
N ALA A 135 -24.20 -25.27 -5.49
CA ALA A 135 -24.01 -23.83 -5.66
C ALA A 135 -25.24 -23.17 -6.25
N LEU A 136 -25.86 -23.80 -7.26
CA LEU A 136 -26.94 -23.13 -8.00
C LEU A 136 -28.14 -22.79 -7.13
N PRO A 137 -28.66 -23.67 -6.27
CA PRO A 137 -29.77 -23.25 -5.40
C PRO A 137 -29.41 -22.09 -4.49
N VAL A 138 -28.16 -22.02 -4.03
CA VAL A 138 -27.74 -20.88 -3.21
C VAL A 138 -27.73 -19.61 -4.04
N LEU A 139 -27.20 -19.68 -5.27
CA LEU A 139 -27.15 -18.50 -6.13
C LEU A 139 -28.53 -18.02 -6.51
N ASP A 140 -29.46 -18.95 -6.75
CA ASP A 140 -30.82 -18.56 -7.10
C ASP A 140 -31.53 -17.90 -5.93
N GLN A 141 -31.34 -18.43 -4.72
CA GLN A 141 -31.93 -17.79 -3.54
C GLN A 141 -31.33 -16.42 -3.29
N MET A 142 -30.05 -16.23 -3.63
CA MET A 142 -29.41 -14.93 -3.44
C MET A 142 -30.03 -13.87 -4.33
N LEU A 143 -30.32 -14.22 -5.59
CA LEU A 143 -30.86 -13.23 -6.52
C LEU A 143 -32.22 -12.73 -6.08
N GLU A 144 -32.98 -13.56 -5.37
N GLU A 144 -32.99 -13.55 -5.37
CA GLU A 144 -34.26 -13.12 -4.82
CA GLU A 144 -34.26 -13.08 -4.84
C GLU A 144 -34.08 -12.22 -3.60
C GLU A 144 -34.09 -12.22 -3.58
N GLU A 145 -32.97 -12.37 -2.88
CA GLU A 145 -32.73 -11.62 -1.65
C GLU A 145 -31.77 -10.45 -1.82
N MET A 146 -31.03 -10.39 -2.94
CA MET A 146 -29.90 -9.49 -3.05
C MET A 146 -30.37 -8.06 -3.27
N LYS A 147 -29.95 -7.16 -2.38
CA LYS A 147 -30.05 -5.73 -2.62
C LYS A 147 -28.92 -5.30 -3.53
N GLU A 148 -29.16 -4.23 -4.29
CA GLU A 148 -28.09 -3.69 -5.13
C GLU A 148 -26.93 -3.17 -4.27
N GLU A 149 -27.23 -2.67 -3.07
CA GLU A 149 -26.19 -2.22 -2.16
C GLU A 149 -25.34 -3.37 -1.64
N ASP A 150 -25.80 -4.61 -1.79
CA ASP A 150 -25.11 -5.78 -1.26
C ASP A 150 -24.43 -6.61 -2.34
N LEU A 151 -24.33 -6.09 -3.56
CA LEU A 151 -23.72 -6.85 -4.65
C LEU A 151 -22.26 -7.16 -4.35
N TYR A 152 -21.81 -8.30 -4.86
CA TYR A 152 -20.44 -8.75 -4.62
C TYR A 152 -19.46 -8.00 -5.51
N ASP A 153 -18.24 -7.84 -5.00
CA ASP A 153 -17.16 -7.24 -5.78
C ASP A 153 -16.43 -8.25 -6.63
N TYR A 154 -16.43 -9.53 -6.22
CA TYR A 154 -15.52 -10.51 -6.78
C TYR A 154 -16.14 -11.89 -6.62
N ALA A 155 -16.01 -12.72 -7.65
CA ALA A 155 -16.50 -14.09 -7.63
C ALA A 155 -15.43 -15.00 -8.21
N PHE A 156 -15.12 -16.09 -7.49
CA PHE A 156 -14.22 -17.12 -7.97
C PHE A 156 -15.02 -18.40 -8.19
N VAL A 157 -15.02 -18.89 -9.41
CA VAL A 157 -15.80 -20.07 -9.79
C VAL A 157 -14.84 -21.22 -10.03
N ASP A 158 -14.98 -22.29 -9.26
CA ASP A 158 -14.06 -23.41 -9.30
C ASP A 158 -14.75 -24.67 -8.81
N ALA A 159 -16.01 -24.86 -9.18
CA ALA A 159 -16.84 -25.96 -8.68
C ALA A 159 -16.97 -27.01 -9.80
N ASP A 160 -18.17 -27.53 -10.07
N ASP A 160 -18.16 -27.53 -10.08
CA ASP A 160 -18.39 -28.45 -11.18
CA ASP A 160 -18.28 -28.54 -11.13
C ASP A 160 -18.04 -27.78 -12.50
C ASP A 160 -18.10 -27.88 -12.50
N LYS A 161 -17.09 -28.36 -13.24
CA LYS A 161 -16.66 -27.75 -14.48
C LYS A 161 -17.77 -27.73 -15.53
N SER A 162 -18.61 -28.77 -15.56
N SER A 162 -18.60 -28.78 -15.57
CA SER A 162 -19.65 -28.87 -16.58
CA SER A 162 -19.66 -28.89 -16.57
C SER A 162 -20.79 -27.88 -16.36
C SER A 162 -20.80 -27.91 -16.34
N ASN A 163 -20.79 -27.13 -15.26
CA ASN A 163 -21.91 -26.27 -14.90
C ASN A 163 -21.53 -24.79 -14.84
N TYR A 164 -20.41 -24.40 -15.47
CA TYR A 164 -19.97 -23.01 -15.39
C TYR A 164 -20.97 -22.06 -16.05
N ALA A 165 -21.55 -22.47 -17.17
CA ALA A 165 -22.46 -21.61 -17.91
C ALA A 165 -23.68 -21.24 -17.07
N ASN A 166 -24.20 -22.20 -16.31
CA ASN A 166 -25.34 -21.91 -15.44
C ASN A 166 -24.94 -20.98 -14.30
N TYR A 167 -23.72 -21.16 -13.76
CA TYR A 167 -23.22 -20.23 -12.75
C TYR A 167 -23.10 -18.82 -13.32
N HIS A 168 -22.70 -18.71 -14.59
CA HIS A 168 -22.47 -17.40 -15.19
C HIS A 168 -23.75 -16.56 -15.24
N GLU A 169 -24.87 -17.19 -15.61
CA GLU A 169 -26.11 -16.45 -15.75
C GLU A 169 -26.58 -15.87 -14.43
N ARG A 170 -26.19 -16.49 -13.31
CA ARG A 170 -26.52 -15.94 -12.00
C ARG A 170 -25.54 -14.86 -11.57
N LEU A 171 -24.25 -15.08 -11.82
CA LEU A 171 -23.23 -14.21 -11.26
C LEU A 171 -23.17 -12.86 -11.96
N VAL A 172 -23.54 -12.79 -13.24
CA VAL A 172 -23.58 -11.50 -13.93
C VAL A 172 -24.63 -10.57 -13.36
N LYS A 173 -25.49 -11.07 -12.48
CA LYS A 173 -26.44 -10.24 -11.75
C LYS A 173 -26.14 -10.18 -10.26
N LEU A 174 -25.23 -11.01 -9.75
CA LEU A 174 -24.87 -11.00 -8.34
C LEU A 174 -23.65 -10.15 -8.05
N VAL A 175 -22.78 -9.93 -9.05
N VAL A 175 -22.77 -9.97 -9.03
CA VAL A 175 -21.59 -9.11 -8.91
CA VAL A 175 -21.62 -9.10 -8.87
C VAL A 175 -21.91 -7.71 -9.41
C VAL A 175 -21.99 -7.70 -9.33
N ARG A 176 -21.34 -6.70 -8.74
CA ARG A 176 -21.62 -5.32 -9.08
C ARG A 176 -21.10 -4.99 -10.48
N ILE A 177 -21.58 -3.88 -11.02
CA ILE A 177 -21.01 -3.35 -12.26
C ILE A 177 -19.57 -2.95 -12.00
N GLY A 178 -18.68 -3.40 -12.88
CA GLY A 178 -17.26 -3.22 -12.66
C GLY A 178 -16.62 -4.27 -11.77
N GLY A 179 -17.42 -5.18 -11.21
CA GLY A 179 -16.87 -6.27 -10.41
C GLY A 179 -16.36 -7.41 -11.27
N ALA A 180 -15.69 -8.35 -10.62
CA ALA A 180 -14.94 -9.39 -11.31
C ALA A 180 -15.55 -10.76 -11.06
N ILE A 181 -15.70 -11.53 -12.14
CA ILE A 181 -16.03 -12.95 -12.06
C ILE A 181 -14.87 -13.72 -12.69
N LEU A 182 -14.32 -14.66 -11.93
CA LEU A 182 -13.15 -15.43 -12.36
C LEU A 182 -13.53 -16.90 -12.49
N TYR A 183 -13.24 -17.47 -13.65
CA TYR A 183 -13.52 -18.87 -13.94
C TYR A 183 -12.21 -19.63 -14.02
N ASP A 184 -12.08 -20.67 -13.20
CA ASP A 184 -10.87 -21.46 -13.13
C ASP A 184 -10.94 -22.63 -14.11
N ASN A 185 -9.76 -23.04 -14.59
CA ASN A 185 -9.58 -24.22 -15.44
C ASN A 185 -10.13 -24.04 -16.86
N THR A 186 -10.25 -22.81 -17.35
CA THR A 186 -10.84 -22.59 -18.67
C THR A 186 -9.99 -23.13 -19.80
N LEU A 187 -8.74 -23.51 -19.54
CA LEU A 187 -7.91 -24.16 -20.55
C LEU A 187 -7.90 -25.67 -20.43
N TRP A 188 -8.27 -26.21 -19.28
CA TRP A 188 -8.46 -27.65 -19.06
C TRP A 188 -7.28 -28.46 -19.60
N TYR A 189 -6.09 -28.12 -19.11
CA TYR A 189 -4.86 -28.85 -19.41
C TYR A 189 -4.53 -28.83 -20.90
N GLY A 190 -4.92 -27.76 -21.59
CA GLY A 190 -4.69 -27.62 -23.01
C GLY A 190 -5.59 -28.45 -23.89
N SER A 191 -6.48 -29.26 -23.32
CA SER A 191 -7.35 -30.11 -24.11
C SER A 191 -8.47 -29.35 -24.81
N VAL A 192 -8.72 -28.10 -24.44
CA VAL A 192 -9.73 -27.30 -25.13
C VAL A 192 -9.26 -26.80 -26.48
N ALA A 193 -7.96 -26.93 -26.77
CA ALA A 193 -7.41 -26.34 -28.00
C ALA A 193 -7.85 -27.07 -29.25
N TYR A 194 -8.41 -28.27 -29.14
N TYR A 194 -8.39 -28.28 -29.13
CA TYR A 194 -8.78 -29.06 -30.29
CA TYR A 194 -8.79 -29.05 -30.30
C TYR A 194 -10.25 -29.45 -30.23
C TYR A 194 -10.27 -29.40 -30.22
N PRO A 195 -10.95 -29.47 -31.37
CA PRO A 195 -12.37 -29.90 -31.34
C PRO A 195 -12.56 -31.30 -30.79
N GLU A 196 -11.68 -32.24 -31.13
CA GLU A 196 -11.72 -33.59 -30.57
C GLU A 196 -10.40 -33.89 -29.89
N TYR A 197 -10.48 -34.68 -28.82
CA TYR A 197 -9.35 -34.99 -27.96
C TYR A 197 -9.48 -36.45 -27.53
N PRO A 198 -8.43 -37.25 -27.64
CA PRO A 198 -8.57 -38.69 -27.43
C PRO A 198 -8.47 -39.13 -25.98
N GLY A 199 -9.25 -40.17 -25.67
CA GLY A 199 -9.02 -40.98 -24.48
C GLY A 199 -9.42 -40.39 -23.14
N LEU A 200 -10.40 -39.49 -23.10
CA LEU A 200 -10.82 -38.88 -21.86
C LEU A 200 -12.03 -39.60 -21.27
N HIS A 201 -12.04 -39.74 -19.94
CA HIS A 201 -13.20 -40.22 -19.22
C HIS A 201 -14.38 -39.27 -19.47
N PRO A 202 -15.61 -39.79 -19.45
CA PRO A 202 -16.78 -38.93 -19.71
C PRO A 202 -16.82 -37.65 -18.89
N GLU A 203 -16.51 -37.71 -17.59
CA GLU A 203 -16.50 -36.49 -16.78
C GLU A 203 -15.49 -35.48 -17.32
N GLU A 204 -14.28 -35.95 -17.66
CA GLU A 204 -13.27 -35.04 -18.18
C GLU A 204 -13.62 -34.54 -19.57
N GLU A 205 -14.21 -35.39 -20.40
CA GLU A 205 -14.59 -34.98 -21.75
C GLU A 205 -15.73 -33.99 -21.74
N VAL A 206 -16.73 -34.20 -20.86
CA VAL A 206 -17.85 -33.27 -20.75
C VAL A 206 -17.37 -31.92 -20.26
N ALA A 207 -16.43 -31.90 -19.30
CA ALA A 207 -15.86 -30.65 -18.84
C ALA A 207 -15.08 -29.95 -19.95
N ARG A 208 -14.36 -30.73 -20.76
CA ARG A 208 -13.63 -30.16 -21.89
C ARG A 208 -14.58 -29.51 -22.88
N LEU A 209 -15.64 -30.21 -23.26
CA LEU A 209 -16.63 -29.65 -24.17
C LEU A 209 -17.34 -28.45 -23.54
N SER A 210 -17.55 -28.47 -22.23
CA SER A 210 -18.20 -27.35 -21.57
C SER A 210 -17.31 -26.11 -21.58
N PHE A 211 -16.00 -26.29 -21.40
CA PHE A 211 -15.11 -25.14 -21.40
C PHE A 211 -14.96 -24.55 -22.80
N ARG A 212 -14.94 -25.39 -23.83
CA ARG A 212 -14.88 -24.89 -25.19
C ARG A 212 -16.10 -24.05 -25.52
N ASN A 213 -17.28 -24.50 -25.09
CA ASN A 213 -18.49 -23.69 -25.29
C ASN A 213 -18.44 -22.41 -24.46
N LEU A 214 -17.96 -22.52 -23.21
CA LEU A 214 -17.95 -21.36 -22.33
C LEU A 214 -16.97 -20.29 -22.82
N ASN A 215 -15.78 -20.70 -23.26
CA ASN A 215 -14.81 -19.74 -23.76
C ASN A 215 -15.34 -18.98 -24.97
N THR A 216 -16.01 -19.69 -25.88
CA THR A 216 -16.63 -19.03 -27.02
C THR A 216 -17.77 -18.12 -26.58
N PHE A 217 -18.57 -18.57 -25.61
CA PHE A 217 -19.70 -17.78 -25.14
C PHE A 217 -19.22 -16.50 -24.45
N LEU A 218 -18.25 -16.63 -23.56
CA LEU A 218 -17.77 -15.46 -22.81
C LEU A 218 -17.14 -14.43 -23.73
N ALA A 219 -16.48 -14.86 -24.79
CA ALA A 219 -15.88 -13.92 -25.74
C ALA A 219 -16.93 -13.17 -26.55
N ALA A 220 -18.16 -13.66 -26.59
CA ALA A 220 -19.24 -13.01 -27.31
C ALA A 220 -20.27 -12.36 -26.38
N ASP A 221 -20.07 -12.46 -25.07
CA ASP A 221 -21.01 -11.92 -24.10
C ASP A 221 -20.83 -10.41 -23.94
N PRO A 222 -21.79 -9.60 -24.38
CA PRO A 222 -21.65 -8.14 -24.24
C PRO A 222 -21.81 -7.64 -22.82
N ARG A 223 -22.30 -8.48 -21.90
CA ARG A 223 -22.46 -8.05 -20.52
C ARG A 223 -21.14 -7.88 -19.80
N VAL A 224 -20.05 -8.42 -20.33
CA VAL A 224 -18.76 -8.41 -19.66
C VAL A 224 -17.64 -8.18 -20.66
N GLU A 225 -16.52 -7.65 -20.16
N GLU A 225 -16.53 -7.63 -20.16
CA GLU A 225 -15.25 -7.73 -20.85
CA GLU A 225 -15.24 -7.71 -20.81
C GLU A 225 -14.40 -8.81 -20.22
C GLU A 225 -14.47 -8.88 -20.21
N ILE A 226 -13.67 -9.55 -21.04
CA ILE A 226 -13.00 -10.76 -20.59
C ILE A 226 -11.49 -10.65 -20.78
N SER A 227 -10.77 -11.55 -20.09
CA SER A 227 -9.33 -11.70 -20.23
C SER A 227 -8.98 -13.13 -19.81
N GLN A 228 -8.67 -13.97 -20.78
CA GLN A 228 -8.22 -15.34 -20.50
C GLN A 228 -6.73 -15.32 -20.25
N VAL A 229 -6.32 -15.80 -19.07
CA VAL A 229 -4.94 -15.71 -18.61
C VAL A 229 -4.39 -17.12 -18.50
N SER A 230 -3.21 -17.35 -19.10
CA SER A 230 -2.59 -18.66 -19.13
C SER A 230 -1.77 -18.91 -17.86
N ILE A 231 -2.46 -18.83 -16.72
CA ILE A 231 -1.87 -19.11 -15.42
C ILE A 231 -2.61 -20.29 -14.80
N GLY A 232 -1.88 -21.14 -14.08
CA GLY A 232 -2.48 -22.32 -13.50
C GLY A 232 -2.96 -23.25 -14.59
N ASP A 233 -4.28 -23.49 -14.62
CA ASP A 233 -4.92 -24.23 -15.70
C ASP A 233 -5.81 -23.32 -16.55
N GLY A 234 -5.46 -22.04 -16.62
CA GLY A 234 -6.26 -21.08 -17.34
C GLY A 234 -7.32 -20.44 -16.44
N VAL A 235 -7.29 -19.12 -16.35
CA VAL A 235 -8.25 -18.35 -15.57
C VAL A 235 -8.82 -17.25 -16.47
N THR A 236 -10.14 -17.20 -16.59
CA THR A 236 -10.80 -16.18 -17.39
C THR A 236 -11.41 -15.14 -16.45
N ILE A 237 -10.89 -13.93 -16.50
CA ILE A 237 -11.43 -12.81 -15.74
C ILE A 237 -12.50 -12.12 -16.57
N CYS A 238 -13.67 -11.91 -15.97
CA CYS A 238 -14.75 -11.17 -16.59
C CYS A 238 -15.15 -10.00 -15.69
N ARG A 239 -15.25 -8.81 -16.29
CA ARG A 239 -15.64 -7.60 -15.57
C ARG A 239 -17.00 -7.17 -16.09
N ARG A 240 -17.97 -7.09 -15.18
CA ARG A 240 -19.34 -6.78 -15.58
C ARG A 240 -19.45 -5.35 -16.09
N LEU A 241 -20.08 -5.19 -17.25
CA LEU A 241 -20.23 -3.87 -17.87
C LEU A 241 -21.55 -3.21 -17.52
N TYR A 242 -22.62 -3.99 -17.45
CA TYR A 242 -23.94 -3.46 -17.11
C TYR A 242 -24.82 -4.54 -16.50
N GLY B 1 19.54 -4.54 -29.21
CA GLY B 1 18.11 -4.80 -29.16
C GLY B 1 17.29 -3.81 -29.95
N PRO B 2 15.98 -3.81 -29.73
CA PRO B 2 15.12 -2.84 -30.43
C PRO B 2 15.37 -1.44 -29.89
N GLY B 3 15.60 -0.50 -30.80
CA GLY B 3 15.83 0.89 -30.43
C GLY B 3 17.08 1.48 -31.03
N SER B 7 20.62 -6.29 -33.86
CA SER B 7 19.66 -6.71 -34.88
C SER B 7 18.98 -8.01 -34.50
N ILE B 8 17.84 -8.29 -35.14
CA ILE B 8 17.10 -9.51 -34.84
C ILE B 8 17.78 -10.74 -35.44
N ASP B 9 18.64 -10.55 -36.44
CA ASP B 9 19.31 -11.69 -37.08
C ASP B 9 20.14 -12.48 -36.08
N ASP B 10 20.61 -11.84 -35.02
CA ASP B 10 21.53 -12.47 -34.09
C ASP B 10 20.86 -13.08 -32.87
N TYR B 11 19.56 -12.87 -32.68
CA TYR B 11 18.87 -13.37 -31.50
C TYR B 11 18.42 -14.82 -31.70
N SER B 12 18.21 -15.51 -30.58
N SER B 12 18.20 -15.51 -30.58
CA SER B 12 17.93 -16.94 -30.59
CA SER B 12 17.92 -16.94 -30.59
C SER B 12 16.54 -17.30 -30.08
C SER B 12 16.54 -17.31 -30.07
N LEU B 13 16.06 -16.63 -29.02
CA LEU B 13 14.85 -17.06 -28.32
C LEU B 13 13.56 -16.60 -28.97
N VAL B 14 13.60 -15.79 -30.03
CA VAL B 14 12.43 -15.03 -30.47
C VAL B 14 11.24 -15.89 -30.85
N HIS B 15 11.46 -17.17 -31.19
CA HIS B 15 10.38 -18.04 -31.63
C HIS B 15 9.97 -19.05 -30.56
N LYS B 16 10.46 -18.92 -29.34
CA LYS B 16 10.19 -19.89 -28.29
C LYS B 16 8.93 -19.51 -27.52
N ASN B 17 8.10 -20.52 -27.26
CA ASN B 17 6.90 -20.36 -26.44
C ASN B 17 7.18 -20.73 -24.99
N ILE B 18 6.31 -20.25 -24.10
CA ILE B 18 6.28 -20.76 -22.74
C ILE B 18 5.09 -21.70 -22.52
N LEU B 19 4.09 -21.66 -23.40
CA LEU B 19 3.04 -22.66 -23.39
C LEU B 19 3.51 -23.93 -24.10
N HIS B 20 2.81 -25.03 -23.85
CA HIS B 20 3.32 -26.33 -24.29
C HIS B 20 3.12 -26.62 -25.78
N SER B 21 2.44 -25.73 -26.51
CA SER B 21 2.27 -25.94 -27.95
C SER B 21 1.82 -24.64 -28.59
N GLU B 22 2.12 -24.51 -29.90
CA GLU B 22 1.61 -23.39 -30.67
C GLU B 22 0.10 -23.44 -30.78
N ASP B 23 -0.47 -24.63 -30.85
CA ASP B 23 -1.93 -24.77 -30.99
C ASP B 23 -2.66 -24.22 -29.78
N LEU B 24 -2.08 -24.36 -28.59
CA LEU B 24 -2.72 -23.84 -27.39
C LEU B 24 -2.70 -22.32 -27.36
N LEU B 25 -1.55 -21.72 -27.71
CA LEU B 25 -1.49 -20.27 -27.80
C LEU B 25 -2.41 -19.75 -28.90
N LYS B 26 -2.46 -20.44 -30.04
CA LYS B 26 -3.35 -20.05 -31.12
C LYS B 26 -4.81 -20.12 -30.68
N TYR B 27 -5.15 -21.12 -29.86
CA TYR B 27 -6.52 -21.23 -29.37
C TYR B 27 -6.89 -20.01 -28.52
N ILE B 28 -6.01 -19.66 -27.57
CA ILE B 28 -6.29 -18.52 -26.69
C ILE B 28 -6.49 -17.25 -27.51
N LEU B 29 -5.59 -17.01 -28.46
CA LEU B 29 -5.66 -15.77 -29.24
C LEU B 29 -6.90 -15.72 -30.11
N GLU B 30 -7.24 -16.83 -30.77
CA GLU B 30 -8.39 -16.85 -31.67
C GLU B 30 -9.71 -16.90 -30.93
N THR B 31 -9.73 -17.53 -29.74
CA THR B 31 -10.99 -17.67 -29.01
C THR B 31 -11.27 -16.45 -28.14
N SER B 32 -10.26 -15.97 -27.41
CA SER B 32 -10.47 -14.99 -26.37
C SER B 32 -9.82 -13.63 -26.63
N ALA B 33 -8.78 -13.56 -27.46
CA ALA B 33 -8.06 -12.30 -27.62
C ALA B 33 -8.54 -11.51 -28.83
N TYR B 34 -8.33 -12.06 -30.02
CA TYR B 34 -8.71 -11.34 -31.24
C TYR B 34 -10.17 -10.90 -31.29
N PRO B 35 -11.15 -11.70 -30.84
CA PRO B 35 -12.54 -11.20 -30.85
C PRO B 35 -12.75 -9.99 -29.96
N ARG B 36 -11.89 -9.75 -28.97
CA ARG B 36 -12.02 -8.62 -28.06
C ARG B 36 -11.00 -7.53 -28.33
N GLU B 37 -10.23 -7.64 -29.39
CA GLU B 37 -9.17 -6.68 -29.71
C GLU B 37 -9.75 -5.52 -30.49
N HIS B 38 -9.50 -4.30 -30.00
CA HIS B 38 -9.95 -3.10 -30.70
C HIS B 38 -9.42 -3.08 -32.12
N GLU B 39 -10.23 -2.54 -33.04
CA GLU B 39 -9.86 -2.56 -34.45
C GLU B 39 -8.55 -1.82 -34.72
N GLN B 40 -8.27 -0.76 -33.95
CA GLN B 40 -7.02 -0.04 -34.12
C GLN B 40 -5.85 -0.79 -33.50
N LEU B 41 -6.10 -1.58 -32.45
CA LEU B 41 -5.05 -2.46 -31.94
C LEU B 41 -4.71 -3.54 -32.96
N LYS B 42 -5.72 -4.07 -33.64
CA LYS B 42 -5.48 -5.06 -34.69
C LYS B 42 -4.65 -4.46 -35.81
N GLY B 43 -4.97 -3.24 -36.23
CA GLY B 43 -4.19 -2.59 -37.28
C GLY B 43 -2.78 -2.29 -36.84
N LEU B 44 -2.61 -1.84 -35.59
CA LEU B 44 -1.26 -1.59 -35.07
C LEU B 44 -0.46 -2.88 -34.98
N ARG B 45 -1.10 -3.96 -34.52
CA ARG B 45 -0.41 -5.24 -34.41
C ARG B 45 0.03 -5.74 -35.78
N GLU B 46 -0.84 -5.60 -36.79
CA GLU B 46 -0.57 -6.22 -38.08
C GLU B 46 0.58 -5.56 -38.82
N VAL B 47 0.68 -4.23 -38.76
CA VAL B 47 1.83 -3.56 -39.36
C VAL B 47 3.10 -3.86 -38.57
N THR B 48 2.97 -4.01 -37.25
CA THR B 48 4.13 -4.28 -36.42
C THR B 48 4.69 -5.69 -36.66
N GLU B 49 3.81 -6.65 -36.96
N GLU B 49 3.82 -6.66 -36.96
CA GLU B 49 4.26 -8.01 -37.25
CA GLU B 49 4.31 -8.01 -37.22
C GLU B 49 5.23 -8.04 -38.42
C GLU B 49 5.20 -8.08 -38.45
N LYS B 50 5.12 -7.08 -39.34
CA LYS B 50 6.01 -7.00 -40.49
C LYS B 50 7.33 -6.30 -40.17
N HIS B 51 7.45 -5.69 -39.00
CA HIS B 51 8.65 -4.95 -38.64
C HIS B 51 9.76 -5.91 -38.22
N GLU B 52 11.00 -5.41 -38.31
CA GLU B 52 12.16 -6.23 -37.99
C GLU B 52 12.14 -6.69 -36.55
N TRP B 53 11.67 -5.83 -35.63
CA TRP B 53 11.65 -6.13 -34.21
C TRP B 53 10.27 -6.55 -33.72
N SER B 54 9.52 -7.28 -34.55
CA SER B 54 8.17 -7.72 -34.16
C SER B 54 8.20 -8.68 -32.99
N SER B 55 9.34 -9.30 -32.70
CA SER B 55 9.44 -10.24 -31.59
C SER B 55 9.28 -9.54 -30.24
N ALA B 56 9.51 -8.24 -30.18
CA ALA B 56 9.33 -7.48 -28.94
C ALA B 56 7.88 -7.05 -28.72
N LEU B 57 6.99 -7.35 -29.67
CA LEU B 57 5.61 -6.90 -29.58
C LEU B 57 4.88 -7.61 -28.45
N VAL B 58 4.14 -6.85 -27.65
CA VAL B 58 3.32 -7.40 -26.58
C VAL B 58 2.16 -8.17 -27.22
N PRO B 59 1.99 -9.45 -26.91
CA PRO B 59 0.94 -10.23 -27.56
C PRO B 59 -0.45 -9.79 -27.16
N ALA B 60 -1.43 -10.21 -27.97
CA ALA B 60 -2.80 -9.72 -27.82
C ALA B 60 -3.47 -10.24 -26.56
N ASP B 61 -3.15 -11.47 -26.13
CA ASP B 61 -3.77 -12.00 -24.92
C ASP B 61 -3.24 -11.29 -23.68
N GLU B 62 -1.95 -10.93 -23.68
CA GLU B 62 -1.41 -10.14 -22.57
C GLU B 62 -1.99 -8.74 -22.58
N GLY B 63 -2.23 -8.18 -23.78
CA GLY B 63 -2.78 -6.84 -23.87
C GLY B 63 -4.13 -6.73 -23.19
N LEU B 64 -5.02 -7.68 -23.45
CA LEU B 64 -6.32 -7.68 -22.78
C LEU B 64 -6.16 -7.88 -21.28
N PHE B 65 -5.12 -8.60 -20.86
CA PHE B 65 -4.85 -8.74 -19.43
C PHE B 65 -4.45 -7.41 -18.82
N LEU B 66 -3.64 -6.62 -19.53
CA LEU B 66 -3.26 -5.30 -19.03
C LEU B 66 -4.47 -4.38 -18.94
N SER B 67 -5.32 -4.40 -19.96
N SER B 67 -5.33 -4.40 -19.95
CA SER B 67 -6.52 -3.57 -19.94
CA SER B 67 -6.52 -3.54 -19.91
C SER B 67 -7.45 -3.97 -18.80
C SER B 67 -7.48 -3.97 -18.82
N MET B 68 -7.55 -5.27 -18.52
CA MET B 68 -8.41 -5.73 -17.44
C MET B 68 -7.90 -5.25 -16.08
N LEU B 69 -6.58 -5.30 -15.88
CA LEU B 69 -6.00 -4.77 -14.65
C LEU B 69 -6.29 -3.28 -14.51
N LEU B 70 -6.11 -2.53 -15.60
CA LEU B 70 -6.31 -1.08 -15.55
C LEU B 70 -7.74 -0.72 -15.16
N LYS B 71 -8.72 -1.41 -15.74
CA LYS B 71 -10.11 -1.07 -15.48
C LYS B 71 -10.54 -1.54 -14.10
N LEU B 72 -10.03 -2.69 -13.65
CA LEU B 72 -10.42 -3.20 -12.33
C LEU B 72 -9.92 -2.30 -11.21
N MET B 73 -8.73 -1.71 -11.38
CA MET B 73 -8.18 -0.82 -10.37
C MET B 73 -8.54 0.64 -10.61
N ASN B 74 -9.36 0.93 -11.63
N ASN B 74 -9.36 0.93 -11.63
CA ASN B 74 -9.83 2.29 -11.90
CA ASN B 74 -9.82 2.28 -11.93
C ASN B 74 -8.66 3.25 -12.12
C ASN B 74 -8.65 3.24 -12.12
N ALA B 75 -7.68 2.81 -12.91
CA ALA B 75 -6.49 3.63 -13.15
C ALA B 75 -6.85 4.88 -13.94
N LYS B 76 -6.18 5.98 -13.62
CA LYS B 76 -6.43 7.26 -14.27
C LYS B 76 -5.17 7.91 -14.81
N ARG B 77 -4.06 7.84 -14.09
CA ARG B 77 -2.77 8.36 -14.53
C ARG B 77 -1.75 7.24 -14.51
N THR B 78 -1.13 6.97 -15.66
CA THR B 78 -0.20 5.87 -15.82
C THR B 78 1.09 6.36 -16.47
N ILE B 79 2.10 5.50 -16.45
CA ILE B 79 3.37 5.74 -17.14
C ILE B 79 3.74 4.48 -17.90
N GLU B 80 4.18 4.64 -19.14
CA GLU B 80 4.54 3.53 -20.01
C GLU B 80 6.00 3.68 -20.41
N ILE B 81 6.83 2.72 -19.98
CA ILE B 81 8.27 2.75 -20.21
C ILE B 81 8.61 1.67 -21.22
N GLY B 82 8.96 2.08 -22.43
CA GLY B 82 9.17 1.13 -23.51
C GLY B 82 7.94 1.03 -24.39
N VAL B 83 7.86 1.87 -25.41
CA VAL B 83 6.65 2.02 -26.21
C VAL B 83 6.69 1.17 -27.47
N TYR B 84 7.83 1.19 -28.18
CA TYR B 84 7.97 0.53 -29.50
C TYR B 84 6.89 1.11 -30.41
N THR B 85 6.11 0.30 -31.11
CA THR B 85 5.08 0.83 -31.99
C THR B 85 3.82 1.25 -31.25
N GLY B 86 3.68 0.88 -29.98
CA GLY B 86 2.63 1.39 -29.14
C GLY B 86 1.45 0.48 -28.89
N TYR B 87 1.65 -0.85 -28.92
CA TYR B 87 0.52 -1.75 -28.68
C TYR B 87 0.04 -1.66 -27.24
N SER B 88 0.95 -1.85 -26.28
CA SER B 88 0.56 -1.73 -24.88
C SER B 88 0.18 -0.30 -24.52
N LEU B 89 0.77 0.68 -25.19
CA LEU B 89 0.40 2.07 -24.95
C LEU B 89 -1.02 2.34 -25.42
N LEU B 90 -1.36 1.88 -26.63
CA LEU B 90 -2.73 2.02 -27.12
C LEU B 90 -3.71 1.21 -26.27
N THR B 91 -3.27 0.05 -25.78
CA THR B 91 -4.11 -0.72 -24.86
C THR B 91 -4.43 0.08 -23.60
N THR B 92 -3.41 0.73 -23.04
CA THR B 92 -3.63 1.53 -21.84
C THR B 92 -4.53 2.73 -22.13
N ALA B 93 -4.31 3.41 -23.25
CA ALA B 93 -5.09 4.60 -23.57
C ALA B 93 -6.56 4.26 -23.81
N LEU B 94 -6.84 3.10 -24.40
CA LEU B 94 -8.23 2.73 -24.63
C LEU B 94 -8.93 2.31 -23.33
N ALA B 95 -8.17 1.82 -22.36
CA ALA B 95 -8.77 1.38 -21.10
C ALA B 95 -9.03 2.54 -20.15
N LEU B 96 -8.20 3.58 -20.19
CA LEU B 96 -8.37 4.72 -19.31
C LEU B 96 -9.64 5.50 -19.68
N PRO B 97 -10.21 6.23 -18.70
CA PRO B 97 -11.36 7.09 -19.02
C PRO B 97 -10.99 8.21 -20.00
N GLU B 98 -11.99 9.00 -20.40
CA GLU B 98 -11.75 10.01 -21.43
C GLU B 98 -10.72 11.05 -21.00
N ASP B 99 -10.59 11.30 -19.70
CA ASP B 99 -9.66 12.31 -19.20
C ASP B 99 -8.42 11.69 -18.57
N GLY B 100 -8.12 10.44 -18.89
CA GLY B 100 -6.91 9.81 -18.38
C GLY B 100 -5.66 10.38 -19.02
N LYS B 101 -4.53 10.15 -18.37
CA LYS B 101 -3.25 10.67 -18.82
C LYS B 101 -2.18 9.60 -18.76
N ILE B 102 -1.33 9.54 -19.78
CA ILE B 102 -0.23 8.59 -19.85
C ILE B 102 1.05 9.36 -20.13
N THR B 103 2.10 9.05 -19.38
CA THR B 103 3.46 9.48 -19.72
C THR B 103 4.14 8.30 -20.41
N ALA B 104 4.42 8.44 -21.70
CA ALA B 104 5.02 7.38 -22.50
C ALA B 104 6.46 7.76 -22.82
N ILE B 105 7.39 6.86 -22.51
CA ILE B 105 8.82 7.12 -22.65
C ILE B 105 9.43 6.05 -23.55
N ASP B 106 10.25 6.48 -24.51
CA ASP B 106 10.99 5.57 -25.36
C ASP B 106 12.11 6.35 -26.04
N VAL B 107 13.26 5.71 -26.23
CA VAL B 107 14.39 6.37 -26.88
C VAL B 107 14.18 6.54 -28.39
N ASN B 108 13.19 5.86 -28.96
CA ASN B 108 12.99 5.84 -30.41
C ASN B 108 11.55 6.26 -30.71
N LYS B 109 11.37 7.53 -31.09
CA LYS B 109 10.05 8.02 -31.45
C LYS B 109 9.60 7.55 -32.83
N SER B 110 10.54 7.17 -33.71
N SER B 110 10.54 7.17 -33.70
CA SER B 110 10.14 6.68 -35.02
CA SER B 110 10.16 6.67 -35.02
C SER B 110 9.35 5.38 -34.92
C SER B 110 9.35 5.38 -34.90
N TYR B 111 9.67 4.55 -33.91
CA TYR B 111 8.85 3.37 -33.66
C TYR B 111 7.43 3.78 -33.29
N TYR B 112 7.30 4.78 -32.42
CA TYR B 112 6.00 5.25 -31.98
C TYR B 112 5.17 5.79 -33.14
N GLU B 113 5.84 6.42 -34.11
CA GLU B 113 5.13 6.97 -35.26
C GLU B 113 4.65 5.90 -36.23
N ILE B 114 5.10 4.66 -36.08
CA ILE B 114 4.52 3.57 -36.86
C ILE B 114 3.10 3.28 -36.40
N GLY B 115 2.86 3.32 -35.09
CA GLY B 115 1.54 3.04 -34.55
C GLY B 115 0.71 4.26 -34.27
N LEU B 116 1.33 5.45 -34.34
CA LEU B 116 0.60 6.69 -34.06
C LEU B 116 -0.65 6.88 -34.90
N PRO B 117 -0.68 6.59 -36.21
CA PRO B 117 -1.94 6.72 -36.95
C PRO B 117 -3.08 5.89 -36.37
N PHE B 118 -2.78 4.71 -35.83
CA PHE B 118 -3.82 3.90 -35.21
C PHE B 118 -4.25 4.47 -33.87
N ILE B 119 -3.30 5.04 -33.11
CA ILE B 119 -3.64 5.69 -31.86
C ILE B 119 -4.55 6.89 -32.12
N GLN B 120 -4.28 7.63 -33.20
CA GLN B 120 -5.08 8.81 -33.52
C GLN B 120 -6.48 8.41 -33.97
N LYS B 121 -6.60 7.36 -34.78
CA LYS B 121 -7.91 6.91 -35.24
C LYS B 121 -8.76 6.38 -34.09
N ALA B 122 -8.12 5.86 -33.04
CA ALA B 122 -8.85 5.42 -31.85
C ALA B 122 -9.28 6.59 -30.97
N GLY B 123 -8.83 7.81 -31.27
CA GLY B 123 -9.24 8.98 -30.53
C GLY B 123 -8.70 9.09 -29.13
N VAL B 124 -7.47 8.61 -28.90
CA VAL B 124 -6.93 8.57 -27.55
C VAL B 124 -5.55 9.20 -27.50
N GLU B 125 -5.11 9.82 -28.61
CA GLU B 125 -3.78 10.42 -28.64
C GLU B 125 -3.65 11.55 -27.62
N HIS B 126 -4.75 12.26 -27.35
CA HIS B 126 -4.69 13.39 -26.42
C HIS B 126 -4.31 12.97 -25.01
N LYS B 127 -4.53 11.71 -24.64
CA LYS B 127 -4.16 11.24 -23.32
C LYS B 127 -2.66 10.99 -23.16
N ILE B 128 -1.89 11.04 -24.25
CA ILE B 128 -0.52 10.57 -24.27
C ILE B 128 0.43 11.76 -24.29
N ASN B 129 1.38 11.77 -23.37
CA ASN B 129 2.50 12.70 -23.38
C ASN B 129 3.75 11.88 -23.68
N PHE B 130 4.14 11.83 -24.95
CA PHE B 130 5.29 11.04 -25.36
C PHE B 130 6.58 11.82 -25.14
N ILE B 131 7.56 11.17 -24.52
CA ILE B 131 8.87 11.75 -24.26
C ILE B 131 9.90 10.87 -24.93
N GLU B 132 10.60 11.39 -25.94
CA GLU B 132 11.67 10.67 -26.61
C GLU B 132 12.95 10.88 -25.80
N SER B 133 13.33 9.88 -25.02
CA SER B 133 14.51 9.96 -24.17
C SER B 133 14.73 8.59 -23.53
N GLU B 134 15.92 8.41 -22.98
CA GLU B 134 16.16 7.27 -22.10
C GLU B 134 15.35 7.43 -20.83
N ALA B 135 14.88 6.30 -20.29
CA ALA B 135 13.85 6.36 -19.25
C ALA B 135 14.41 6.88 -17.94
N LEU B 136 15.62 6.47 -17.59
CA LEU B 136 16.17 6.74 -16.27
C LEU B 136 16.31 8.23 -15.98
N PRO B 137 16.90 9.06 -16.85
CA PRO B 137 16.90 10.50 -16.58
C PRO B 137 15.52 11.10 -16.45
N VAL B 138 14.54 10.58 -17.19
CA VAL B 138 13.18 11.07 -17.08
C VAL B 138 12.60 10.71 -15.71
N LEU B 139 12.81 9.48 -15.26
CA LEU B 139 12.33 9.07 -13.95
C LEU B 139 13.03 9.84 -12.84
N ASP B 140 14.33 10.10 -12.98
CA ASP B 140 15.04 10.87 -11.98
C ASP B 140 14.54 12.31 -11.93
N GLN B 141 14.27 12.89 -13.10
CA GLN B 141 13.69 14.24 -13.13
C GLN B 141 12.33 14.26 -12.47
N MET B 142 11.54 13.20 -12.65
CA MET B 142 10.24 13.12 -12.02
C MET B 142 10.35 13.04 -10.50
N LEU B 143 11.34 12.30 -10.00
CA LEU B 143 11.46 12.07 -8.57
C LEU B 143 11.60 13.37 -7.79
N GLU B 144 12.21 14.39 -8.38
CA GLU B 144 12.40 15.66 -7.70
C GLU B 144 11.30 16.67 -8.00
N GLU B 145 10.46 16.42 -9.01
CA GLU B 145 9.32 17.27 -9.29
C GLU B 145 7.99 16.64 -8.86
N MET B 146 7.98 15.33 -8.62
CA MET B 146 6.73 14.64 -8.29
C MET B 146 6.29 14.97 -6.87
N LYS B 147 5.03 15.36 -6.73
CA LYS B 147 4.38 15.49 -5.44
C LYS B 147 3.30 14.43 -5.31
N GLU B 148 2.92 14.15 -4.06
CA GLU B 148 2.05 13.00 -3.80
C GLU B 148 0.73 13.09 -4.55
N GLU B 149 0.26 14.31 -4.85
CA GLU B 149 -0.99 14.47 -5.56
C GLU B 149 -0.95 13.89 -6.97
N ASP B 150 0.25 13.73 -7.55
CA ASP B 150 0.39 13.33 -8.95
C ASP B 150 1.06 11.97 -9.10
N LEU B 151 1.10 11.16 -8.05
CA LEU B 151 1.65 9.81 -8.16
C LEU B 151 0.83 9.00 -9.17
N TYR B 152 1.51 8.09 -9.85
CA TYR B 152 0.86 7.28 -10.87
C TYR B 152 0.09 6.12 -10.25
N ASP B 153 -0.97 5.70 -10.95
CA ASP B 153 -1.72 4.51 -10.53
C ASP B 153 -1.09 3.24 -11.04
N TYR B 154 -0.33 3.31 -12.13
CA TYR B 154 0.04 2.12 -12.89
C TYR B 154 1.28 2.42 -13.70
N ALA B 155 2.19 1.45 -13.75
CA ALA B 155 3.43 1.58 -14.50
C ALA B 155 3.71 0.28 -15.23
N PHE B 156 3.92 0.38 -16.54
CA PHE B 156 4.28 -0.77 -17.37
C PHE B 156 5.74 -0.60 -17.80
N VAL B 157 6.60 -1.52 -17.35
CA VAL B 157 8.03 -1.46 -17.64
C VAL B 157 8.33 -2.48 -18.73
N ASP B 158 8.81 -1.99 -19.87
CA ASP B 158 9.09 -2.86 -21.00
C ASP B 158 10.14 -2.23 -21.91
N ALA B 159 11.24 -1.76 -21.33
CA ALA B 159 12.28 -1.04 -22.06
C ALA B 159 13.57 -1.87 -22.01
N ASP B 160 14.71 -1.28 -21.66
CA ASP B 160 15.96 -2.02 -21.62
C ASP B 160 15.91 -3.08 -20.52
N LYS B 161 16.07 -4.34 -20.91
CA LYS B 161 15.87 -5.45 -19.97
C LYS B 161 16.89 -5.42 -18.86
N SER B 162 18.14 -5.05 -19.15
CA SER B 162 19.19 -5.03 -18.15
C SER B 162 19.05 -3.88 -17.16
N ASN B 163 18.05 -3.02 -17.32
CA ASN B 163 17.89 -1.83 -16.48
C ASN B 163 16.62 -1.86 -15.64
N TYR B 164 15.95 -3.01 -15.54
CA TYR B 164 14.70 -3.09 -14.79
C TYR B 164 14.90 -2.75 -13.31
N ALA B 165 15.98 -3.26 -12.71
CA ALA B 165 16.23 -3.00 -11.30
C ALA B 165 16.42 -1.52 -11.04
N ASN B 166 17.09 -0.81 -11.95
CA ASN B 166 17.23 0.64 -11.82
C ASN B 166 15.88 1.33 -11.95
N TYR B 167 15.05 0.88 -12.89
CA TYR B 167 13.69 1.42 -13.01
C TYR B 167 12.90 1.18 -11.73
N HIS B 168 13.11 0.03 -11.09
CA HIS B 168 12.32 -0.32 -9.92
C HIS B 168 12.54 0.64 -8.77
N GLU B 169 13.80 1.05 -8.54
CA GLU B 169 14.10 1.92 -7.42
C GLU B 169 13.45 3.29 -7.58
N ARG B 170 13.17 3.71 -8.82
CA ARG B 170 12.49 4.98 -9.04
C ARG B 170 10.98 4.82 -8.95
N LEU B 171 10.44 3.71 -9.48
CA LEU B 171 9.00 3.56 -9.62
C LEU B 171 8.32 3.24 -8.31
N VAL B 172 9.03 2.62 -7.36
CA VAL B 172 8.46 2.38 -6.04
C VAL B 172 8.13 3.66 -5.31
N LYS B 173 8.62 4.80 -5.79
CA LYS B 173 8.28 6.11 -5.24
C LYS B 173 7.44 6.95 -6.18
N LEU B 174 7.37 6.60 -7.47
CA LEU B 174 6.58 7.36 -8.43
C LEU B 174 5.16 6.85 -8.57
N VAL B 175 4.89 5.62 -8.14
N VAL B 175 4.89 5.61 -8.17
CA VAL B 175 3.55 5.04 -8.16
CA VAL B 175 3.53 5.09 -8.17
C VAL B 175 2.95 5.15 -6.76
C VAL B 175 2.97 5.24 -6.77
N ARG B 176 1.65 5.42 -6.69
CA ARG B 176 0.99 5.59 -5.40
C ARG B 176 1.00 4.30 -4.60
N ILE B 177 0.76 4.44 -3.29
CA ILE B 177 0.54 3.27 -2.45
C ILE B 177 -0.71 2.56 -2.93
N GLY B 178 -0.60 1.24 -3.13
CA GLY B 178 -1.65 0.47 -3.75
C GLY B 178 -1.63 0.46 -5.26
N GLY B 179 -0.76 1.26 -5.88
CA GLY B 179 -0.61 1.23 -7.32
C GLY B 179 0.20 0.04 -7.80
N ALA B 180 0.18 -0.17 -9.11
CA ALA B 180 0.75 -1.36 -9.72
C ALA B 180 1.95 -1.01 -10.58
N ILE B 181 3.04 -1.77 -10.41
CA ILE B 181 4.19 -1.73 -11.31
C ILE B 181 4.30 -3.09 -11.97
N LEU B 182 4.27 -3.11 -13.30
CA LEU B 182 4.29 -4.33 -14.07
C LEU B 182 5.59 -4.42 -14.88
N TYR B 183 6.26 -5.55 -14.79
CA TYR B 183 7.52 -5.79 -15.50
C TYR B 183 7.29 -6.86 -16.55
N ASP B 184 7.60 -6.53 -17.80
CA ASP B 184 7.37 -7.43 -18.91
C ASP B 184 8.60 -8.32 -19.14
N ASN B 185 8.34 -9.52 -19.70
CA ASN B 185 9.37 -10.46 -20.11
C ASN B 185 10.15 -11.04 -18.93
N THR B 186 9.54 -11.14 -17.75
CA THR B 186 10.28 -11.61 -16.59
C THR B 186 10.59 -13.11 -16.64
N LEU B 187 9.99 -13.85 -17.57
CA LEU B 187 10.36 -15.25 -17.77
C LEU B 187 11.33 -15.44 -18.93
N TRP B 188 11.50 -14.42 -19.77
CA TRP B 188 12.48 -14.40 -20.86
C TRP B 188 12.47 -15.71 -21.65
N TYR B 189 11.31 -16.00 -22.23
CA TYR B 189 11.09 -17.17 -23.09
C TYR B 189 11.34 -18.48 -22.36
N GLY B 190 11.30 -18.46 -21.03
CA GLY B 190 11.60 -19.63 -20.24
C GLY B 190 13.08 -19.86 -19.98
N SER B 191 13.95 -19.01 -20.51
CA SER B 191 15.38 -19.22 -20.36
C SER B 191 15.87 -18.94 -18.94
N VAL B 192 15.06 -18.27 -18.11
CA VAL B 192 15.45 -17.97 -16.74
C VAL B 192 15.36 -19.17 -15.81
N ALA B 193 14.75 -20.27 -16.25
CA ALA B 193 14.50 -21.41 -15.38
C ALA B 193 15.75 -22.24 -15.09
N TYR B 194 16.91 -21.87 -15.64
CA TYR B 194 18.13 -22.64 -15.47
C TYR B 194 19.28 -21.70 -15.15
N PRO B 195 20.25 -22.16 -14.36
CA PRO B 195 21.45 -21.34 -14.13
C PRO B 195 22.20 -21.02 -15.41
N GLU B 196 22.32 -22.00 -16.31
CA GLU B 196 22.97 -21.81 -17.60
C GLU B 196 21.99 -22.14 -18.72
N TYR B 197 22.13 -21.43 -19.84
CA TYR B 197 21.28 -21.63 -21.00
C TYR B 197 22.11 -21.34 -22.26
N PRO B 198 22.58 -22.38 -22.94
CA PRO B 198 23.46 -22.17 -24.09
C PRO B 198 22.71 -21.66 -25.31
N GLY B 199 23.47 -21.08 -26.23
CA GLY B 199 22.98 -20.72 -27.55
C GLY B 199 22.43 -19.32 -27.69
N LEU B 200 22.65 -18.44 -26.71
CA LEU B 200 22.05 -17.11 -26.70
C LEU B 200 22.99 -16.08 -27.29
N HIS B 201 22.40 -15.01 -27.84
CA HIS B 201 23.15 -13.82 -28.17
C HIS B 201 23.65 -13.18 -26.88
N PRO B 202 24.83 -12.53 -26.92
CA PRO B 202 25.35 -11.88 -25.70
C PRO B 202 24.36 -10.93 -25.04
N GLU B 203 23.57 -10.19 -25.82
CA GLU B 203 22.56 -9.31 -25.23
C GLU B 203 21.43 -10.12 -24.60
N GLU B 204 21.07 -11.26 -25.20
CA GLU B 204 20.05 -12.11 -24.63
C GLU B 204 20.50 -12.69 -23.29
N GLU B 205 21.78 -13.05 -23.20
CA GLU B 205 22.30 -13.61 -21.94
C GLU B 205 22.36 -12.55 -20.85
N VAL B 206 22.70 -11.31 -21.21
CA VAL B 206 22.68 -10.23 -20.24
C VAL B 206 21.27 -10.02 -19.70
N ALA B 207 20.28 -10.03 -20.59
CA ALA B 207 18.89 -9.89 -20.17
C ALA B 207 18.45 -11.08 -19.33
N ARG B 208 18.89 -12.28 -19.70
CA ARG B 208 18.50 -13.48 -18.96
C ARG B 208 19.02 -13.44 -17.54
N LEU B 209 20.30 -13.08 -17.37
CA LEU B 209 20.85 -12.93 -16.02
C LEU B 209 20.18 -11.80 -15.26
N SER B 210 19.85 -10.71 -15.96
CA SER B 210 19.20 -9.58 -15.32
C SER B 210 17.84 -9.97 -14.76
N PHE B 211 17.11 -10.82 -15.48
CA PHE B 211 15.78 -11.22 -15.03
C PHE B 211 15.86 -12.23 -13.88
N ARG B 212 16.84 -13.14 -13.92
CA ARG B 212 17.01 -14.07 -12.81
C ARG B 212 17.35 -13.33 -11.52
N ASN B 213 18.16 -12.27 -11.63
CA ASN B 213 18.45 -11.44 -10.46
C ASN B 213 17.21 -10.64 -10.05
N LEU B 214 16.49 -10.09 -11.03
CA LEU B 214 15.32 -9.26 -10.71
C LEU B 214 14.21 -10.08 -10.07
N ASN B 215 13.96 -11.29 -10.59
CA ASN B 215 12.90 -12.12 -10.04
C ASN B 215 13.20 -12.51 -8.59
N THR B 216 14.47 -12.79 -8.28
CA THR B 216 14.84 -13.05 -6.90
C THR B 216 14.67 -11.81 -6.04
N PHE B 217 15.06 -10.64 -6.57
CA PHE B 217 14.98 -9.41 -5.79
C PHE B 217 13.53 -9.02 -5.52
N LEU B 218 12.68 -9.08 -6.54
CA LEU B 218 11.28 -8.69 -6.36
C LEU B 218 10.57 -9.62 -5.38
N ALA B 219 10.93 -10.90 -5.36
CA ALA B 219 10.33 -11.82 -4.40
C ALA B 219 10.75 -11.51 -2.97
N ALA B 220 11.86 -10.81 -2.77
CA ALA B 220 12.36 -10.48 -1.45
C ALA B 220 12.18 -9.01 -1.09
N ASP B 221 11.60 -8.21 -1.99
CA ASP B 221 11.42 -6.78 -1.75
C ASP B 221 10.20 -6.55 -0.84
N PRO B 222 10.41 -6.11 0.40
CA PRO B 222 9.27 -5.90 1.30
C PRO B 222 8.41 -4.69 0.94
N ARG B 223 8.92 -3.78 0.11
CA ARG B 223 8.15 -2.59 -0.25
C ARG B 223 6.95 -2.92 -1.13
N VAL B 224 6.91 -4.11 -1.74
CA VAL B 224 5.86 -4.47 -2.67
C VAL B 224 5.36 -5.89 -2.38
N GLU B 225 4.14 -6.16 -2.82
CA GLU B 225 3.66 -7.53 -2.98
C GLU B 225 3.66 -7.84 -4.46
N ILE B 226 4.00 -9.09 -4.80
CA ILE B 226 4.25 -9.45 -6.19
C ILE B 226 3.35 -10.62 -6.59
N SER B 227 3.28 -10.82 -7.91
CA SER B 227 2.63 -11.99 -8.47
C SER B 227 3.16 -12.15 -9.90
N GLN B 228 3.99 -13.17 -10.12
CA GLN B 228 4.53 -13.46 -11.44
C GLN B 228 3.52 -14.30 -12.21
N VAL B 229 3.10 -13.80 -13.39
CA VAL B 229 2.02 -14.40 -14.16
C VAL B 229 2.59 -15.01 -15.43
N SER B 230 2.28 -16.28 -15.68
CA SER B 230 2.79 -17.00 -16.83
C SER B 230 2.03 -16.63 -18.09
N ILE B 231 1.90 -15.33 -18.38
CA ILE B 231 1.21 -14.87 -19.57
C ILE B 231 2.22 -14.14 -20.46
N GLY B 232 2.03 -14.26 -21.77
CA GLY B 232 2.95 -13.69 -22.74
C GLY B 232 4.34 -14.25 -22.59
N ASP B 233 5.29 -13.38 -22.20
CA ASP B 233 6.65 -13.80 -21.86
C ASP B 233 6.90 -13.71 -20.36
N GLY B 234 5.84 -13.74 -19.55
CA GLY B 234 5.96 -13.54 -18.14
C GLY B 234 5.77 -12.09 -17.76
N VAL B 235 4.83 -11.82 -16.85
CA VAL B 235 4.57 -10.48 -16.36
C VAL B 235 4.55 -10.55 -14.83
N THR B 236 5.35 -9.71 -14.19
CA THR B 236 5.41 -9.64 -12.74
C THR B 236 4.68 -8.38 -12.29
N ILE B 237 3.55 -8.56 -11.62
CA ILE B 237 2.78 -7.45 -11.07
C ILE B 237 3.26 -7.18 -9.65
N CYS B 238 3.63 -5.93 -9.38
CA CYS B 238 4.02 -5.51 -8.04
C CYS B 238 3.10 -4.39 -7.59
N ARG B 239 2.62 -4.49 -6.35
CA ARG B 239 1.75 -3.49 -5.75
C ARG B 239 2.49 -2.82 -4.59
N ARG B 240 2.58 -1.50 -4.63
CA ARG B 240 3.31 -0.77 -3.60
C ARG B 240 2.58 -0.85 -2.27
N LEU B 241 3.30 -1.28 -1.24
CA LEU B 241 2.72 -1.48 0.09
C LEU B 241 2.80 -0.25 0.97
N TYR B 242 3.89 0.51 0.86
CA TYR B 242 4.06 1.72 1.67
C TYR B 242 5.06 2.67 1.02
N GLY C 1 -2.04 22.95 1.69
CA GLY C 1 -3.39 22.72 2.15
C GLY C 1 -4.31 22.16 1.08
N PRO C 2 -5.44 21.57 1.48
CA PRO C 2 -6.38 21.03 0.50
C PRO C 2 -6.88 22.06 -0.50
N GLY C 3 -7.02 23.32 -0.07
CA GLY C 3 -7.51 24.37 -0.95
C GLY C 3 -6.42 25.03 -1.77
N MET C 4 -5.27 25.29 -1.14
CA MET C 4 -4.21 26.01 -1.82
C MET C 4 -2.89 25.75 -1.11
N GLY C 5 -1.81 25.83 -1.88
CA GLY C 5 -0.48 25.89 -1.29
C GLY C 5 0.17 24.50 -1.25
N ALA C 6 0.58 24.09 -0.06
CA ALA C 6 1.47 22.95 0.09
C ALA C 6 0.77 21.62 -0.19
N SER C 7 1.56 20.66 -0.65
CA SER C 7 1.10 19.28 -0.80
C SER C 7 1.00 18.61 0.57
N ILE C 8 0.46 17.40 0.58
CA ILE C 8 0.30 16.66 1.82
C ILE C 8 1.57 15.91 2.21
N ASP C 9 2.43 15.60 1.23
CA ASP C 9 3.69 14.92 1.54
C ASP C 9 4.52 15.72 2.53
N ASP C 10 4.38 17.03 2.54
CA ASP C 10 5.17 17.85 3.44
C ASP C 10 4.58 18.00 4.84
N TYR C 11 3.36 17.51 5.06
CA TYR C 11 2.71 17.66 6.34
C TYR C 11 3.15 16.56 7.30
N SER C 12 3.40 16.93 8.56
CA SER C 12 4.05 16.04 9.51
C SER C 12 3.16 15.58 10.65
N LEU C 13 1.95 16.12 10.81
CA LEU C 13 1.11 15.83 11.96
C LEU C 13 -0.02 14.87 11.67
N VAL C 14 -0.22 14.47 10.41
CA VAL C 14 -1.45 13.81 10.01
C VAL C 14 -1.63 12.44 10.67
N HIS C 15 -0.57 11.80 11.13
CA HIS C 15 -0.67 10.48 11.74
C HIS C 15 -0.79 10.52 13.25
N LYS C 16 -0.82 11.70 13.87
CA LYS C 16 -1.01 11.82 15.30
C LYS C 16 -2.49 11.84 15.65
N ASN C 17 -2.78 11.64 16.93
CA ASN C 17 -4.12 11.86 17.45
C ASN C 17 -4.01 12.27 18.91
N ILE C 18 -5.04 12.99 19.38
CA ILE C 18 -4.99 13.60 20.70
C ILE C 18 -5.32 12.61 21.82
N LEU C 19 -5.96 11.49 21.51
CA LEU C 19 -6.23 10.49 22.53
C LEU C 19 -4.97 9.66 22.79
N HIS C 20 -4.96 8.94 23.91
CA HIS C 20 -3.71 8.30 24.33
C HIS C 20 -3.36 7.07 23.51
N SER C 21 -4.33 6.48 22.81
CA SER C 21 -4.04 5.30 22.01
C SER C 21 -5.03 5.22 20.86
N GLU C 22 -4.56 4.67 19.74
CA GLU C 22 -5.46 4.38 18.62
C GLU C 22 -6.50 3.35 19.00
N ASP C 23 -6.18 2.48 19.96
CA ASP C 23 -7.14 1.47 20.41
C ASP C 23 -8.38 2.11 21.02
N LEU C 24 -8.20 3.20 21.78
CA LEU C 24 -9.34 3.87 22.38
C LEU C 24 -10.18 4.59 21.33
N LEU C 25 -9.52 5.28 20.40
CA LEU C 25 -10.25 5.90 19.30
C LEU C 25 -10.97 4.85 18.46
N LYS C 26 -10.32 3.72 18.19
CA LYS C 26 -10.96 2.65 17.45
C LYS C 26 -12.18 2.12 18.19
N TYR C 27 -12.08 1.99 19.52
CA TYR C 27 -13.22 1.53 20.30
C TYR C 27 -14.41 2.48 20.16
N ILE C 28 -14.14 3.79 20.27
CA ILE C 28 -15.22 4.77 20.19
C ILE C 28 -15.92 4.69 18.84
N LEU C 29 -15.14 4.63 17.76
CA LEU C 29 -15.72 4.61 16.42
C LEU C 29 -16.54 3.35 16.19
N GLU C 30 -15.98 2.19 16.55
CA GLU C 30 -16.67 0.93 16.30
C GLU C 30 -17.87 0.75 17.23
N THR C 31 -17.80 1.24 18.46
CA THR C 31 -18.88 1.00 19.41
C THR C 31 -19.99 2.03 19.28
N SER C 32 -19.64 3.32 19.22
CA SER C 32 -20.62 4.38 19.36
C SER C 32 -20.80 5.25 18.13
N ALA C 33 -19.88 5.22 17.16
CA ALA C 33 -19.95 6.10 16.00
C ALA C 33 -20.46 5.37 14.76
N TYR C 34 -19.71 4.37 14.29
CA TYR C 34 -20.10 3.66 13.08
C TYR C 34 -21.50 3.03 13.16
N PRO C 35 -21.95 2.47 14.28
CA PRO C 35 -23.33 1.96 14.32
C PRO C 35 -24.41 3.02 14.14
N ARG C 36 -24.13 4.29 14.44
CA ARG C 36 -25.09 5.36 14.27
C ARG C 36 -24.83 6.20 13.03
N GLU C 37 -23.88 5.81 12.19
CA GLU C 37 -23.51 6.60 11.02
C GLU C 37 -24.46 6.27 9.86
N HIS C 38 -25.03 7.32 9.26
CA HIS C 38 -25.90 7.16 8.10
C HIS C 38 -25.16 6.41 7.00
N GLU C 39 -25.91 5.62 6.23
N GLU C 39 -25.91 5.64 6.22
CA GLU C 39 -25.30 4.82 5.17
CA GLU C 39 -25.28 4.82 5.18
C GLU C 39 -24.57 5.69 4.16
C GLU C 39 -24.61 5.66 4.12
N GLN C 40 -25.16 6.83 3.81
CA GLN C 40 -24.53 7.72 2.84
C GLN C 40 -23.33 8.44 3.44
N LEU C 41 -23.33 8.66 4.76
CA LEU C 41 -22.14 9.20 5.41
C LEU C 41 -21.00 8.18 5.38
N LYS C 42 -21.31 6.90 5.63
CA LYS C 42 -20.31 5.86 5.52
C LYS C 42 -19.76 5.77 4.11
N GLY C 43 -20.63 5.86 3.10
CA GLY C 43 -20.16 5.83 1.73
C GLY C 43 -19.27 7.01 1.39
N LEU C 44 -19.68 8.20 1.84
CA LEU C 44 -18.88 9.41 1.60
C LEU C 44 -17.55 9.33 2.35
N ARG C 45 -17.54 8.71 3.52
CA ARG C 45 -16.29 8.60 4.26
C ARG C 45 -15.33 7.65 3.57
N GLU C 46 -15.85 6.52 3.09
CA GLU C 46 -14.99 5.53 2.45
C GLU C 46 -14.41 6.02 1.12
N VAL C 47 -15.16 6.83 0.36
CA VAL C 47 -14.57 7.40 -0.85
C VAL C 47 -13.51 8.43 -0.49
N THR C 48 -13.72 9.18 0.59
CA THR C 48 -12.78 10.22 0.98
C THR C 48 -11.48 9.66 1.56
N GLU C 49 -11.56 8.52 2.25
CA GLU C 49 -10.35 7.88 2.78
C GLU C 49 -9.37 7.52 1.68
N LYS C 50 -9.83 7.39 0.44
CA LYS C 50 -8.95 7.15 -0.69
C LYS C 50 -8.33 8.43 -1.26
N HIS C 51 -8.83 9.60 -0.87
CA HIS C 51 -8.34 10.85 -1.41
C HIS C 51 -7.00 11.23 -0.77
N GLU C 52 -6.25 12.06 -1.51
N GLU C 52 -6.23 12.05 -1.50
CA GLU C 52 -4.94 12.50 -1.05
CA GLU C 52 -4.93 12.45 -1.00
C GLU C 52 -5.03 13.34 0.21
C GLU C 52 -5.01 13.38 0.20
N TRP C 53 -6.14 14.06 0.39
CA TRP C 53 -6.35 14.90 1.57
C TRP C 53 -7.27 14.23 2.57
N SER C 54 -7.12 12.91 2.72
CA SER C 54 -7.88 12.16 3.72
C SER C 54 -7.66 12.71 5.12
N SER C 55 -6.49 13.32 5.36
CA SER C 55 -6.17 13.87 6.67
C SER C 55 -7.16 14.94 7.12
N ALA C 56 -7.83 15.61 6.18
CA ALA C 56 -8.71 16.73 6.50
C ALA C 56 -10.13 16.28 6.83
N LEU C 57 -10.45 15.00 6.72
CA LEU C 57 -11.81 14.53 6.88
C LEU C 57 -12.26 14.61 8.34
N VAL C 58 -13.45 15.14 8.56
CA VAL C 58 -14.05 15.18 9.89
C VAL C 58 -14.33 13.75 10.33
N PRO C 59 -13.81 13.30 11.47
CA PRO C 59 -14.01 11.90 11.89
C PRO C 59 -15.47 11.63 12.25
N ALA C 60 -15.78 10.33 12.34
CA ALA C 60 -17.17 9.91 12.52
C ALA C 60 -17.69 10.26 13.90
N ASP C 61 -16.86 10.13 14.93
CA ASP C 61 -17.33 10.43 16.29
C ASP C 61 -17.60 11.92 16.46
N GLU C 62 -16.77 12.77 15.86
CA GLU C 62 -17.04 14.20 15.89
C GLU C 62 -18.28 14.53 15.07
N GLY C 63 -18.53 13.80 13.98
CA GLY C 63 -19.71 14.05 13.18
C GLY C 63 -21.00 13.88 13.97
N LEU C 64 -21.10 12.80 14.74
CA LEU C 64 -22.28 12.60 15.58
C LEU C 64 -22.37 13.67 16.66
N PHE C 65 -21.23 14.21 17.09
CA PHE C 65 -21.24 15.30 18.05
C PHE C 65 -21.83 16.56 17.45
N LEU C 66 -21.42 16.89 16.22
CA LEU C 66 -22.00 18.03 15.52
C LEU C 66 -23.50 17.84 15.32
N SER C 67 -23.91 16.64 14.92
CA SER C 67 -25.33 16.37 14.73
C SER C 67 -26.11 16.55 16.02
N MET C 68 -25.56 16.09 17.14
CA MET C 68 -26.26 16.20 18.43
C MET C 68 -26.46 17.66 18.82
N LEU C 69 -25.41 18.47 18.67
CA LEU C 69 -25.52 19.90 19.00
C LEU C 69 -26.58 20.58 18.16
N LEU C 70 -26.59 20.28 16.86
CA LEU C 70 -27.55 20.90 15.95
C LEU C 70 -28.98 20.62 16.38
N LYS C 71 -29.27 19.38 16.77
CA LYS C 71 -30.62 19.00 17.13
C LYS C 71 -30.99 19.48 18.54
N LEU C 72 -30.02 19.48 19.46
CA LEU C 72 -30.31 19.94 20.81
C LEU C 72 -30.62 21.44 20.84
N MET C 73 -29.99 22.22 19.98
CA MET C 73 -30.26 23.65 19.89
C MET C 73 -31.35 23.98 18.86
N ASN C 74 -31.95 22.96 18.24
CA ASN C 74 -33.04 23.14 17.27
C ASN C 74 -32.62 24.08 16.14
N ALA C 75 -31.43 23.84 15.59
CA ALA C 75 -30.91 24.67 14.52
C ALA C 75 -31.77 24.52 13.27
N LYS C 76 -31.95 25.63 12.54
CA LYS C 76 -32.74 25.63 11.32
C LYS C 76 -31.98 26.18 10.13
N ARG C 77 -31.21 27.25 10.31
CA ARG C 77 -30.39 27.83 9.24
C ARG C 77 -28.95 27.87 9.71
N THR C 78 -28.05 27.24 8.95
CA THR C 78 -26.64 27.13 9.30
C THR C 78 -25.77 27.55 8.13
N ILE C 79 -24.47 27.71 8.41
CA ILE C 79 -23.48 28.01 7.39
C ILE C 79 -22.28 27.10 7.62
N GLU C 80 -21.76 26.54 6.53
CA GLU C 80 -20.65 25.59 6.57
C GLU C 80 -19.50 26.18 5.78
N ILE C 81 -18.37 26.41 6.46
CA ILE C 81 -17.20 27.05 5.87
C ILE C 81 -16.08 26.02 5.83
N GLY C 82 -15.79 25.52 4.63
CA GLY C 82 -14.86 24.41 4.48
C GLY C 82 -15.60 23.10 4.32
N VAL C 83 -15.92 22.76 3.08
CA VAL C 83 -16.80 21.62 2.80
C VAL C 83 -15.99 20.36 2.50
N TYR C 84 -14.97 20.49 1.65
CA TYR C 84 -14.16 19.35 1.18
C TYR C 84 -15.11 18.37 0.51
N THR C 85 -15.07 17.08 0.83
CA THR C 85 -15.97 16.12 0.20
C THR C 85 -17.37 16.12 0.82
N GLY C 86 -17.57 16.85 1.90
CA GLY C 86 -18.90 17.10 2.43
C GLY C 86 -19.36 16.23 3.57
N TYR C 87 -18.44 15.70 4.40
CA TYR C 87 -18.87 14.85 5.50
C TYR C 87 -19.63 15.66 6.55
N SER C 88 -19.04 16.74 7.04
CA SER C 88 -19.74 17.57 8.01
C SER C 88 -20.94 18.26 7.41
N LEU C 89 -20.89 18.55 6.10
CA LEU C 89 -22.04 19.16 5.44
C LEU C 89 -23.20 18.18 5.34
N LEU C 90 -22.91 16.91 5.01
CA LEU C 90 -23.96 15.91 4.98
C LEU C 90 -24.50 15.63 6.38
N THR C 91 -23.61 15.64 7.38
CA THR C 91 -24.05 15.49 8.76
C THR C 91 -25.03 16.59 9.15
N THR C 92 -24.73 17.83 8.76
CA THR C 92 -25.61 18.95 9.10
C THR C 92 -26.95 18.83 8.39
N ALA C 93 -26.94 18.51 7.10
CA ALA C 93 -28.19 18.43 6.34
C ALA C 93 -29.09 17.32 6.86
N LEU C 94 -28.49 16.20 7.28
CA LEU C 94 -29.29 15.11 7.83
C LEU C 94 -29.86 15.46 9.19
N ALA C 95 -29.18 16.32 9.95
CA ALA C 95 -29.63 16.68 11.29
C ALA C 95 -30.72 17.75 11.27
N LEU C 96 -30.65 18.68 10.33
CA LEU C 96 -31.64 19.75 10.27
C LEU C 96 -33.01 19.19 9.89
N PRO C 97 -34.09 19.89 10.28
CA PRO C 97 -35.43 19.48 9.82
C PRO C 97 -35.57 19.59 8.31
N GLU C 98 -36.74 19.19 7.79
CA GLU C 98 -36.92 19.12 6.34
C GLU C 98 -36.77 20.49 5.69
N ASP C 99 -37.19 21.56 6.37
CA ASP C 99 -37.08 22.90 5.85
C ASP C 99 -35.81 23.62 6.30
N GLY C 100 -34.79 22.87 6.72
CA GLY C 100 -33.52 23.47 7.07
C GLY C 100 -32.76 23.96 5.85
N LYS C 101 -31.93 24.97 6.06
CA LYS C 101 -31.18 25.58 4.96
C LYS C 101 -29.74 25.79 5.38
N ILE C 102 -28.81 25.42 4.49
CA ILE C 102 -27.38 25.52 4.74
C ILE C 102 -26.74 26.35 3.65
N THR C 103 -25.90 27.30 4.05
CA THR C 103 -25.01 27.98 3.12
C THR C 103 -23.63 27.35 3.25
N ALA C 104 -23.22 26.62 2.22
CA ALA C 104 -21.95 25.90 2.21
C ALA C 104 -20.96 26.63 1.31
N ILE C 105 -19.77 26.90 1.83
CA ILE C 105 -18.76 27.68 1.13
C ILE C 105 -17.46 26.87 1.09
N ASP C 106 -16.88 26.78 -0.11
CA ASP C 106 -15.58 26.13 -0.29
C ASP C 106 -14.96 26.65 -1.57
N VAL C 107 -13.63 26.74 -1.59
CA VAL C 107 -12.93 27.24 -2.77
C VAL C 107 -12.92 26.21 -3.89
N ASN C 108 -13.14 24.93 -3.58
CA ASN C 108 -12.96 23.84 -4.52
C ASN C 108 -14.26 23.04 -4.58
N LYS C 109 -15.02 23.21 -5.66
CA LYS C 109 -16.25 22.43 -5.84
C LYS C 109 -15.97 21.01 -6.31
N SER C 110 -14.80 20.75 -6.90
CA SER C 110 -14.47 19.39 -7.31
C SER C 110 -14.42 18.45 -6.11
N TYR C 111 -13.96 18.94 -4.96
CA TYR C 111 -14.06 18.17 -3.73
C TYR C 111 -15.51 17.87 -3.38
N TYR C 112 -16.36 18.90 -3.45
CA TYR C 112 -17.77 18.75 -3.11
C TYR C 112 -18.47 17.77 -4.04
N GLU C 113 -18.08 17.73 -5.31
CA GLU C 113 -18.70 16.82 -6.27
C GLU C 113 -18.34 15.36 -6.00
N ILE C 114 -17.31 15.11 -5.20
CA ILE C 114 -16.99 13.74 -4.81
C ILE C 114 -18.08 13.18 -3.90
N GLY C 115 -18.51 13.97 -2.91
CA GLY C 115 -19.55 13.55 -1.99
C GLY C 115 -20.95 13.93 -2.38
N LEU C 116 -21.11 14.73 -3.43
CA LEU C 116 -22.45 15.11 -3.89
C LEU C 116 -23.34 13.93 -4.22
N PRO C 117 -22.88 12.85 -4.88
CA PRO C 117 -23.78 11.71 -5.12
C PRO C 117 -24.34 11.10 -3.84
N PHE C 118 -23.58 11.13 -2.74
CA PHE C 118 -24.07 10.59 -1.49
C PHE C 118 -25.06 11.54 -0.82
N ILE C 119 -24.81 12.84 -0.90
CA ILE C 119 -25.76 13.81 -0.39
C ILE C 119 -27.07 13.74 -1.15
N GLN C 120 -27.00 13.52 -2.47
CA GLN C 120 -28.22 13.38 -3.27
C GLN C 120 -28.97 12.11 -2.91
N LYS C 121 -28.25 11.00 -2.73
CA LYS C 121 -28.90 9.74 -2.37
C LYS C 121 -29.52 9.83 -0.97
N ALA C 122 -28.93 10.63 -0.08
CA ALA C 122 -29.53 10.85 1.22
C ALA C 122 -30.78 11.72 1.15
N GLY C 123 -30.98 12.41 0.03
CA GLY C 123 -32.18 13.21 -0.16
C GLY C 123 -32.19 14.53 0.56
N VAL C 124 -31.02 15.13 0.79
CA VAL C 124 -30.92 16.37 1.55
C VAL C 124 -30.20 17.46 0.77
N GLU C 125 -29.94 17.26 -0.52
CA GLU C 125 -29.26 18.28 -1.30
C GLU C 125 -30.12 19.54 -1.45
N HIS C 126 -31.45 19.39 -1.38
CA HIS C 126 -32.34 20.54 -1.51
C HIS C 126 -32.14 21.56 -0.40
N LYS C 127 -31.50 21.19 0.70
CA LYS C 127 -31.25 22.10 1.81
C LYS C 127 -30.00 22.95 1.63
N ILE C 128 -29.15 22.62 0.66
CA ILE C 128 -27.79 23.14 0.59
C ILE C 128 -27.68 24.14 -0.56
N ASN C 129 -27.16 25.32 -0.26
CA ASN C 129 -26.77 26.32 -1.25
C ASN C 129 -25.25 26.38 -1.26
N PHE C 130 -24.62 25.67 -2.19
CA PHE C 130 -23.17 25.63 -2.26
C PHE C 130 -22.65 26.84 -3.02
N ILE C 131 -21.64 27.50 -2.45
CA ILE C 131 -21.02 28.67 -3.05
C ILE C 131 -19.53 28.37 -3.21
N GLU C 132 -19.07 28.34 -4.47
CA GLU C 132 -17.66 28.08 -4.76
C GLU C 132 -16.92 29.41 -4.77
N SER C 133 -16.24 29.72 -3.67
CA SER C 133 -15.51 30.97 -3.51
C SER C 133 -14.72 30.90 -2.22
N GLU C 134 -13.76 31.83 -2.08
CA GLU C 134 -13.15 32.06 -0.78
C GLU C 134 -14.21 32.58 0.18
N ALA C 135 -14.08 32.19 1.45
CA ALA C 135 -15.16 32.41 2.40
C ALA C 135 -15.30 33.88 2.77
N LEU C 136 -14.17 34.58 2.95
CA LEU C 136 -14.21 35.95 3.45
C LEU C 136 -15.01 36.90 2.57
N PRO C 137 -14.83 36.94 1.25
CA PRO C 137 -15.67 37.84 0.44
C PRO C 137 -17.15 37.53 0.54
N VAL C 138 -17.50 36.24 0.65
CA VAL C 138 -18.90 35.87 0.78
C VAL C 138 -19.46 36.33 2.14
N LEU C 139 -18.68 36.14 3.21
CA LEU C 139 -19.12 36.57 4.53
C LEU C 139 -19.27 38.09 4.59
N ASP C 140 -18.36 38.81 3.94
CA ASP C 140 -18.42 40.28 3.98
C ASP C 140 -19.64 40.82 3.25
N GLN C 141 -20.06 40.16 2.16
CA GLN C 141 -21.28 40.57 1.48
C GLN C 141 -22.53 40.14 2.25
N MET C 142 -22.46 39.02 2.97
CA MET C 142 -23.54 38.65 3.86
C MET C 142 -23.77 39.71 4.93
N LEU C 143 -22.68 40.25 5.47
CA LEU C 143 -22.80 41.36 6.41
C LEU C 143 -23.50 42.56 5.79
N GLU C 144 -23.28 42.77 4.49
CA GLU C 144 -23.90 43.91 3.81
C GLU C 144 -25.39 43.71 3.60
N GLU C 145 -25.84 42.47 3.42
CA GLU C 145 -27.21 42.20 2.99
C GLU C 145 -28.09 41.56 4.04
N MET C 146 -27.52 40.92 5.06
CA MET C 146 -28.33 40.20 6.02
C MET C 146 -29.06 41.16 6.96
N LYS C 147 -30.33 40.87 7.22
CA LYS C 147 -31.10 41.55 8.24
C LYS C 147 -31.20 40.66 9.48
N GLU C 148 -31.54 41.28 10.62
CA GLU C 148 -31.57 40.55 11.88
C GLU C 148 -32.51 39.37 11.86
N GLU C 149 -33.47 39.35 10.93
CA GLU C 149 -34.41 38.23 10.83
C GLU C 149 -33.72 36.95 10.37
N ASP C 150 -32.69 37.07 9.53
CA ASP C 150 -32.12 35.93 8.82
C ASP C 150 -30.76 35.50 9.35
N LEU C 151 -30.43 35.83 10.60
CA LEU C 151 -29.15 35.41 11.16
C LEU C 151 -29.11 33.89 11.35
N TYR C 152 -27.90 33.34 11.27
CA TYR C 152 -27.73 31.90 11.34
C TYR C 152 -27.78 31.41 12.78
N ASP C 153 -28.26 30.17 12.94
CA ASP C 153 -28.24 29.53 14.26
C ASP C 153 -26.90 28.89 14.57
N TYR C 154 -26.14 28.52 13.54
CA TYR C 154 -25.01 27.62 13.73
C TYR C 154 -24.01 27.83 12.60
N ALA C 155 -22.73 27.91 12.94
CA ALA C 155 -21.66 28.02 11.97
C ALA C 155 -20.59 26.98 12.30
N PHE C 156 -20.11 26.29 11.26
CA PHE C 156 -19.02 25.33 11.39
C PHE C 156 -17.86 25.81 10.54
N VAL C 157 -16.73 26.10 11.18
CA VAL C 157 -15.58 26.69 10.52
C VAL C 157 -14.50 25.64 10.39
N ASP C 158 -14.12 25.32 9.16
CA ASP C 158 -13.19 24.23 8.90
C ASP C 158 -12.46 24.46 7.58
N ALA C 159 -12.05 25.70 7.32
CA ALA C 159 -11.49 26.11 6.04
C ALA C 159 -10.02 26.45 6.22
N ASP C 160 -9.54 27.60 5.75
CA ASP C 160 -8.13 27.97 5.89
C ASP C 160 -7.80 28.16 7.36
N LYS C 161 -6.89 27.33 7.88
CA LYS C 161 -6.60 27.34 9.31
C LYS C 161 -6.01 28.68 9.75
N SER C 162 -5.15 29.28 8.94
CA SER C 162 -4.50 30.54 9.29
C SER C 162 -5.46 31.73 9.27
N ASN C 163 -6.72 31.54 8.89
CA ASN C 163 -7.65 32.64 8.72
C ASN C 163 -8.84 32.56 9.67
N TYR C 164 -8.77 31.71 10.70
CA TYR C 164 -9.91 31.55 11.61
C TYR C 164 -10.26 32.86 12.31
N ALA C 165 -9.25 33.61 12.73
CA ALA C 165 -9.50 34.86 13.43
C ALA C 165 -10.28 35.84 12.54
N ASN C 166 -9.96 35.88 11.25
CA ASN C 166 -10.71 36.75 10.34
C ASN C 166 -12.14 36.26 10.16
N TYR C 167 -12.33 34.94 10.05
CA TYR C 167 -13.68 34.39 9.99
C TYR C 167 -14.48 34.77 11.22
N HIS C 168 -13.83 34.75 12.40
CA HIS C 168 -14.53 34.99 13.65
C HIS C 168 -15.15 36.38 13.70
N GLU C 169 -14.42 37.38 13.20
CA GLU C 169 -14.91 38.76 13.27
C GLU C 169 -16.16 38.94 12.42
N ARG C 170 -16.34 38.13 11.38
CA ARG C 170 -17.56 38.19 10.58
C ARG C 170 -18.68 37.38 11.23
N LEU C 171 -18.35 36.22 11.79
CA LEU C 171 -19.38 35.28 12.23
C LEU C 171 -20.04 35.69 13.54
N VAL C 172 -19.33 36.42 14.40
CA VAL C 172 -19.97 36.96 15.60
C VAL C 172 -21.07 37.96 15.25
N LYS C 173 -21.14 38.39 14.00
CA LYS C 173 -22.22 39.24 13.52
C LYS C 173 -23.24 38.50 12.67
N LEU C 174 -22.84 37.40 12.04
CA LEU C 174 -23.73 36.66 11.15
C LEU C 174 -24.55 35.60 11.87
N VAL C 175 -24.12 35.18 13.05
N VAL C 175 -24.11 35.15 13.03
CA VAL C 175 -24.83 34.19 13.86
CA VAL C 175 -24.88 34.20 13.83
C VAL C 175 -25.69 34.92 14.90
C VAL C 175 -25.74 34.98 14.80
N ARG C 176 -26.89 34.40 15.14
CA ARG C 176 -27.81 35.05 16.07
C ARG C 176 -27.25 35.04 17.48
N ILE C 177 -27.79 35.94 18.31
CA ILE C 177 -27.51 35.90 19.74
C ILE C 177 -27.99 34.56 20.29
N GLY C 178 -27.12 33.90 21.05
CA GLY C 178 -27.38 32.55 21.50
C GLY C 178 -27.05 31.47 20.49
N GLY C 179 -26.73 31.84 19.25
CA GLY C 179 -26.31 30.86 18.27
C GLY C 179 -24.87 30.41 18.48
N ALA C 180 -24.48 29.40 17.71
CA ALA C 180 -23.22 28.71 17.93
C ALA C 180 -22.27 28.94 16.75
N ILE C 181 -20.99 29.12 17.08
CA ILE C 181 -19.90 29.09 16.12
C ILE C 181 -18.90 28.03 16.58
N LEU C 182 -18.59 27.09 15.69
CA LEU C 182 -17.72 25.97 16.01
C LEU C 182 -16.46 26.04 15.15
N TYR C 183 -15.31 25.96 15.79
CA TYR C 183 -14.01 26.01 15.11
C TYR C 183 -13.34 24.65 15.22
N ASP C 184 -13.05 24.05 14.07
CA ASP C 184 -12.46 22.72 14.01
C ASP C 184 -10.93 22.82 14.10
N ASN C 185 -10.33 21.74 14.59
CA ASN C 185 -8.88 21.56 14.64
C ASN C 185 -8.17 22.51 15.61
N THR C 186 -8.88 23.01 16.63
CA THR C 186 -8.27 23.99 17.53
C THR C 186 -7.17 23.42 18.41
N LEU C 187 -7.00 22.10 18.43
CA LEU C 187 -5.87 21.49 19.14
C LEU C 187 -4.73 21.11 18.21
N TRP C 188 -4.97 21.06 16.91
CA TRP C 188 -3.95 20.84 15.88
C TRP C 188 -3.00 19.72 16.25
N TYR C 189 -3.58 18.53 16.48
CA TYR C 189 -2.84 17.31 16.77
C TYR C 189 -2.00 17.45 18.04
N GLY C 190 -2.44 18.29 18.97
CA GLY C 190 -1.74 18.51 20.21
C GLY C 190 -0.52 19.39 20.12
N SER C 191 -0.13 19.84 18.92
CA SER C 191 1.05 20.67 18.76
C SER C 191 0.85 22.07 19.31
N VAL C 192 -0.38 22.48 19.59
CA VAL C 192 -0.62 23.78 20.21
C VAL C 192 -0.20 23.82 21.67
N ALA C 193 0.10 22.65 22.27
CA ALA C 193 0.37 22.57 23.69
C ALA C 193 1.70 23.18 24.09
N TYR C 194 2.59 23.45 23.14
N TYR C 194 2.60 23.43 23.13
CA TYR C 194 3.92 23.95 23.43
CA TYR C 194 3.91 23.96 23.44
C TYR C 194 4.17 25.24 22.64
C TYR C 194 4.16 25.25 22.65
N PRO C 195 4.88 26.20 23.23
CA PRO C 195 5.18 27.44 22.48
C PRO C 195 5.97 27.19 21.20
N GLU C 196 6.97 26.33 21.25
CA GLU C 196 7.73 25.93 20.07
C GLU C 196 7.58 24.42 19.86
N TYR C 197 7.53 24.03 18.58
CA TYR C 197 7.26 22.64 18.20
C TYR C 197 8.19 22.29 17.03
N PRO C 198 8.82 21.12 17.07
CA PRO C 198 9.88 20.81 16.09
C PRO C 198 9.39 20.21 14.78
N GLY C 199 10.05 20.62 13.70
CA GLY C 199 10.02 19.89 12.45
C GLY C 199 8.75 19.97 11.63
N LEU C 200 7.93 21.00 11.81
CA LEU C 200 6.71 21.12 11.05
C LEU C 200 6.93 21.85 9.74
N HIS C 201 6.09 21.54 8.75
CA HIS C 201 6.07 22.29 7.52
C HIS C 201 5.66 23.75 7.81
N PRO C 202 6.17 24.71 7.04
CA PRO C 202 5.80 26.11 7.27
C PRO C 202 4.30 26.36 7.33
N GLU C 203 3.52 25.71 6.46
CA GLU C 203 2.06 25.84 6.52
C GLU C 203 1.52 25.26 7.82
N GLU C 204 2.02 24.09 8.22
CA GLU C 204 1.59 23.49 9.48
C GLU C 204 1.98 24.37 10.67
N GLU C 205 3.16 25.01 10.59
CA GLU C 205 3.61 25.84 11.69
C GLU C 205 2.81 27.13 11.76
N VAL C 206 2.50 27.74 10.61
CA VAL C 206 1.64 28.91 10.58
C VAL C 206 0.28 28.58 11.17
N ALA C 207 -0.27 27.42 10.80
CA ALA C 207 -1.55 26.99 11.34
C ALA C 207 -1.46 26.75 12.85
N ARG C 208 -0.38 26.14 13.30
CA ARG C 208 -0.20 25.89 14.73
C ARG C 208 -0.14 27.21 15.51
N LEU C 209 0.63 28.17 15.01
CA LEU C 209 0.72 29.46 15.68
C LEU C 209 -0.61 30.20 15.62
N SER C 210 -1.35 30.06 14.52
N SER C 210 -1.34 30.07 14.52
CA SER C 210 -2.65 30.72 14.40
CA SER C 210 -2.65 30.71 14.41
C SER C 210 -3.66 30.13 15.38
C SER C 210 -3.62 30.14 15.42
N PHE C 211 -3.55 28.83 15.68
CA PHE C 211 -4.48 28.21 16.62
C PHE C 211 -4.14 28.57 18.06
N ARG C 212 -2.85 28.70 18.39
CA ARG C 212 -2.47 29.15 19.72
C ARG C 212 -2.96 30.56 19.99
N ASN C 213 -2.86 31.44 18.99
CA ASN C 213 -3.37 32.80 19.15
C ASN C 213 -4.90 32.81 19.20
N LEU C 214 -5.55 31.93 18.43
CA LEU C 214 -7.01 31.90 18.42
C LEU C 214 -7.56 31.39 19.74
N ASN C 215 -6.99 30.32 20.27
CA ASN C 215 -7.45 29.79 21.55
C ASN C 215 -7.30 30.81 22.67
N THR C 216 -6.19 31.55 22.66
CA THR C 216 -6.01 32.62 23.64
C THR C 216 -7.01 33.75 23.42
N PHE C 217 -7.26 34.10 22.16
CA PHE C 217 -8.21 35.18 21.87
C PHE C 217 -9.63 34.80 22.26
N LEU C 218 -10.08 33.62 21.83
CA LEU C 218 -11.45 33.20 22.09
C LEU C 218 -11.72 33.10 23.59
N ALA C 219 -10.71 32.69 24.36
CA ALA C 219 -10.88 32.60 25.81
C ALA C 219 -11.07 33.97 26.46
N ALA C 220 -10.62 35.04 25.82
CA ALA C 220 -10.74 36.39 26.35
C ALA C 220 -11.81 37.20 25.64
N ASP C 221 -12.50 36.63 24.65
CA ASP C 221 -13.50 37.34 23.86
C ASP C 221 -14.80 37.47 24.66
N PRO C 222 -15.17 38.69 25.07
CA PRO C 222 -16.41 38.86 25.84
C PRO C 222 -17.67 38.71 25.00
N ARG C 223 -17.55 38.67 23.67
CA ARG C 223 -18.74 38.53 22.83
C ARG C 223 -19.30 37.11 22.86
N VAL C 224 -18.53 36.13 23.32
CA VAL C 224 -18.95 34.73 23.28
C VAL C 224 -18.60 34.05 24.59
N GLU C 225 -19.38 33.02 24.92
CA GLU C 225 -18.95 31.97 25.83
C GLU C 225 -18.35 30.84 24.99
N ILE C 226 -17.34 30.18 25.55
CA ILE C 226 -16.62 29.17 24.79
C ILE C 226 -16.58 27.84 25.54
N SER C 227 -16.26 26.79 24.78
CA SER C 227 -16.08 25.46 25.35
C SER C 227 -15.21 24.68 24.37
N GLN C 228 -13.94 24.46 24.72
CA GLN C 228 -13.03 23.70 23.90
C GLN C 228 -13.20 22.22 24.24
N VAL C 229 -13.56 21.42 23.24
CA VAL C 229 -13.86 20.00 23.43
C VAL C 229 -12.75 19.18 22.77
N SER C 230 -12.18 18.26 23.54
CA SER C 230 -11.09 17.40 23.04
C SER C 230 -11.65 16.21 22.26
N ILE C 231 -12.42 16.52 21.22
CA ILE C 231 -12.98 15.52 20.32
C ILE C 231 -12.40 15.76 18.93
N GLY C 232 -12.16 14.67 18.20
CA GLY C 232 -11.55 14.75 16.89
C GLY C 232 -10.14 15.33 16.96
N ASP C 233 -9.95 16.52 16.40
CA ASP C 233 -8.71 17.28 16.54
C ASP C 233 -8.93 18.53 17.37
N GLY C 234 -9.93 18.50 18.26
CA GLY C 234 -10.28 19.66 19.04
C GLY C 234 -11.30 20.53 18.35
N VAL C 235 -12.44 20.75 19.01
CA VAL C 235 -13.49 21.62 18.51
C VAL C 235 -13.81 22.63 19.59
N THR C 236 -13.82 23.91 19.24
CA THR C 236 -14.14 24.99 20.17
C THR C 236 -15.52 25.52 19.82
N ILE C 237 -16.47 25.33 20.74
CA ILE C 237 -17.83 25.82 20.57
C ILE C 237 -17.91 27.23 21.13
N CYS C 238 -18.41 28.16 20.33
CA CYS C 238 -18.63 29.53 20.76
C CYS C 238 -20.12 29.83 20.72
N ARG C 239 -20.60 30.53 21.75
CA ARG C 239 -22.01 30.92 21.86
C ARG C 239 -22.08 32.44 21.96
N ARG C 240 -22.74 33.07 20.99
CA ARG C 240 -22.76 34.53 20.92
C ARG C 240 -23.59 35.09 22.07
N LEU C 241 -22.97 35.99 22.84
CA LEU C 241 -23.63 36.60 23.99
C LEU C 241 -24.36 37.88 23.63
N TYR C 242 -23.77 38.71 22.77
CA TYR C 242 -24.40 39.95 22.34
C TYR C 242 -23.90 40.36 20.95
N ASP D 9 27.23 -11.90 5.94
CA ASP D 9 28.32 -11.66 4.99
C ASP D 9 29.54 -12.52 5.32
N ASP D 10 30.72 -12.03 4.94
CA ASP D 10 31.96 -12.72 5.28
C ASP D 10 32.29 -12.66 6.76
N TYR D 11 31.55 -11.87 7.53
CA TYR D 11 31.79 -11.77 8.97
C TYR D 11 31.55 -13.12 9.64
N SER D 12 32.21 -13.32 10.78
CA SER D 12 32.17 -14.60 11.48
C SER D 12 31.21 -14.64 12.65
N LEU D 13 31.01 -13.52 13.34
CA LEU D 13 30.38 -13.52 14.66
C LEU D 13 28.88 -13.22 14.63
N VAL D 14 28.28 -13.01 13.45
CA VAL D 14 26.95 -12.42 13.37
C VAL D 14 25.92 -13.27 14.13
N HIS D 15 26.10 -14.58 14.18
CA HIS D 15 25.11 -15.48 14.77
C HIS D 15 25.46 -15.92 16.18
N LYS D 16 26.48 -15.32 16.79
CA LYS D 16 26.92 -15.70 18.13
C LYS D 16 26.14 -14.91 19.17
N ASN D 17 25.55 -15.62 20.13
CA ASN D 17 24.80 -15.02 21.22
C ASN D 17 25.69 -14.91 22.45
N ILE D 18 25.51 -13.83 23.22
CA ILE D 18 26.22 -13.71 24.49
C ILE D 18 25.49 -14.41 25.63
N LEU D 19 24.21 -14.72 25.47
CA LEU D 19 23.50 -15.52 26.44
C LEU D 19 23.82 -17.00 26.23
N HIS D 20 23.50 -17.83 27.22
CA HIS D 20 23.98 -19.21 27.21
C HIS D 20 23.21 -20.11 26.25
N SER D 21 22.06 -19.66 25.72
CA SER D 21 21.32 -20.49 24.78
C SER D 21 20.40 -19.60 23.96
N GLU D 22 20.09 -20.07 22.74
CA GLU D 22 19.12 -19.38 21.90
C GLU D 22 17.72 -19.43 22.51
N ASP D 23 17.43 -20.47 23.29
CA ASP D 23 16.11 -20.59 23.90
C ASP D 23 15.90 -19.52 24.96
N LEU D 24 16.94 -19.16 25.72
CA LEU D 24 16.82 -18.12 26.72
C LEU D 24 16.57 -16.77 26.08
N LEU D 25 17.32 -16.43 25.03
CA LEU D 25 17.08 -15.20 24.30
C LEU D 25 15.69 -15.18 23.68
N LYS D 26 15.28 -16.30 23.09
CA LYS D 26 13.94 -16.38 22.50
C LYS D 26 12.87 -16.20 23.56
N TYR D 27 13.09 -16.73 24.77
CA TYR D 27 12.14 -16.54 25.85
C TYR D 27 11.99 -15.07 26.20
N ILE D 28 13.11 -14.36 26.32
CA ILE D 28 13.07 -12.94 26.67
C ILE D 28 12.31 -12.15 25.63
N LEU D 29 12.63 -12.37 24.35
CA LEU D 29 12.02 -11.59 23.28
C LEU D 29 10.52 -11.84 23.19
N GLU D 30 10.11 -13.12 23.27
CA GLU D 30 8.70 -13.45 23.10
C GLU D 30 7.89 -13.13 24.35
N THR D 31 8.50 -13.21 25.54
CA THR D 31 7.76 -12.94 26.77
C THR D 31 7.70 -11.45 27.07
N SER D 32 8.82 -10.74 26.93
CA SER D 32 8.94 -9.38 27.45
C SER D 32 9.17 -8.31 26.40
N ALA D 33 9.69 -8.64 25.22
CA ALA D 33 10.02 -7.64 24.21
C ALA D 33 8.91 -7.46 23.18
N TYR D 34 8.60 -8.51 22.43
CA TYR D 34 7.61 -8.40 21.35
C TYR D 34 6.23 -7.91 21.82
N PRO D 35 5.69 -8.36 22.96
CA PRO D 35 4.39 -7.79 23.39
C PRO D 35 4.43 -6.31 23.69
N ARG D 36 5.61 -5.75 24.00
CA ARG D 36 5.75 -4.34 24.30
C ARG D 36 6.33 -3.54 23.14
N GLU D 37 6.50 -4.17 21.98
CA GLU D 37 7.11 -3.52 20.84
C GLU D 37 6.05 -2.74 20.04
N HIS D 38 6.33 -1.48 19.77
CA HIS D 38 5.44 -0.67 18.96
C HIS D 38 5.21 -1.32 17.60
N GLU D 39 4.00 -1.18 17.08
N GLU D 39 4.00 -1.17 17.07
CA GLU D 39 3.65 -1.81 15.81
CA GLU D 39 3.67 -1.83 15.81
C GLU D 39 4.56 -1.34 14.68
C GLU D 39 4.53 -1.33 14.66
N GLN D 40 4.92 -0.06 14.68
CA GLN D 40 5.82 0.46 13.65
C GLN D 40 7.25 -0.03 13.86
N LEU D 41 7.65 -0.27 15.12
CA LEU D 41 8.93 -0.92 15.37
C LEU D 41 8.91 -2.36 14.87
N LYS D 42 7.79 -3.06 15.07
CA LYS D 42 7.65 -4.42 14.57
C LYS D 42 7.77 -4.44 13.05
N GLY D 43 7.12 -3.49 12.37
CA GLY D 43 7.22 -3.44 10.92
C GLY D 43 8.62 -3.09 10.45
N LEU D 44 9.29 -2.16 11.14
CA LEU D 44 10.65 -1.79 10.76
C LEU D 44 11.61 -2.95 10.95
N ARG D 45 11.46 -3.70 12.05
CA ARG D 45 12.36 -4.83 12.28
C ARG D 45 12.13 -5.94 11.27
N GLU D 46 10.87 -6.22 10.93
CA GLU D 46 10.57 -7.30 10.01
C GLU D 46 11.11 -7.02 8.62
N VAL D 47 11.10 -5.76 8.17
N VAL D 47 11.09 -5.76 8.20
CA VAL D 47 11.67 -5.45 6.87
CA VAL D 47 11.65 -5.39 6.90
C VAL D 47 13.19 -5.32 6.93
C VAL D 47 13.18 -5.44 6.96
N THR D 48 13.76 -5.03 8.10
CA THR D 48 15.21 -5.02 8.24
C THR D 48 15.77 -6.44 8.29
N GLU D 49 15.01 -7.39 8.85
CA GLU D 49 15.44 -8.79 8.83
C GLU D 49 15.59 -9.32 7.41
N LYS D 50 14.99 -8.66 6.43
CA LYS D 50 15.19 -9.04 5.04
C LYS D 50 16.49 -8.48 4.47
N HIS D 51 17.07 -7.47 5.11
CA HIS D 51 18.23 -6.79 4.56
C HIS D 51 19.50 -7.62 4.75
N GLU D 52 20.48 -7.37 3.87
CA GLU D 52 21.74 -8.10 3.92
C GLU D 52 22.54 -7.81 5.18
N TRP D 53 22.34 -6.64 5.78
CA TRP D 53 23.02 -6.27 7.01
C TRP D 53 22.11 -6.38 8.23
N SER D 54 21.21 -7.37 8.22
CA SER D 54 20.27 -7.54 9.32
C SER D 54 20.97 -7.81 10.65
N SER D 55 22.22 -8.29 10.63
CA SER D 55 22.93 -8.59 11.86
C SER D 55 23.25 -7.34 12.67
N ALA D 56 23.31 -6.17 12.03
CA ALA D 56 23.61 -4.92 12.73
C ALA D 56 22.41 -4.36 13.47
N LEU D 57 21.25 -4.97 13.34
CA LEU D 57 20.03 -4.44 13.93
C LEU D 57 20.09 -4.52 15.45
N VAL D 58 19.66 -3.44 16.11
CA VAL D 58 19.52 -3.42 17.56
C VAL D 58 18.36 -4.35 17.92
N PRO D 59 18.59 -5.37 18.74
CA PRO D 59 17.51 -6.31 19.07
C PRO D 59 16.40 -5.65 19.87
N ALA D 60 15.26 -6.34 19.93
CA ALA D 60 14.06 -5.75 20.51
C ALA D 60 14.16 -5.58 22.01
N ASP D 61 14.86 -6.48 22.70
CA ASP D 61 14.98 -6.34 24.15
C ASP D 61 15.90 -5.18 24.51
N GLU D 62 16.97 -4.98 23.75
CA GLU D 62 17.81 -3.80 23.96
C GLU D 62 17.05 -2.52 23.65
N GLY D 63 16.19 -2.56 22.63
CA GLY D 63 15.42 -1.39 22.28
C GLY D 63 14.54 -0.91 23.43
N LEU D 64 13.82 -1.84 24.06
CA LEU D 64 13.01 -1.47 25.22
C LEU D 64 13.89 -0.96 26.36
N PHE D 65 15.14 -1.44 26.45
CA PHE D 65 16.04 -0.96 27.48
C PHE D 65 16.46 0.48 27.22
N LEU D 66 16.75 0.81 25.96
CA LEU D 66 17.06 2.20 25.61
C LEU D 66 15.87 3.10 25.86
N SER D 67 14.66 2.61 25.57
CA SER D 67 13.45 3.40 25.83
C SER D 67 13.26 3.68 27.31
N MET D 68 13.49 2.66 28.15
CA MET D 68 13.35 2.84 29.59
C MET D 68 14.32 3.90 30.11
N LEU D 69 15.57 3.85 29.65
CA LEU D 69 16.56 4.84 30.08
C LEU D 69 16.13 6.25 29.70
N LEU D 70 15.64 6.42 28.47
CA LEU D 70 15.26 7.75 28.00
C LEU D 70 14.14 8.35 28.84
N LYS D 71 13.13 7.56 29.16
CA LYS D 71 12.00 8.07 29.92
C LYS D 71 12.32 8.26 31.39
N LEU D 72 13.18 7.39 31.96
CA LEU D 72 13.53 7.52 33.37
C LEU D 72 14.36 8.77 33.63
N MET D 73 15.24 9.13 32.70
CA MET D 73 16.03 10.34 32.82
C MET D 73 15.35 11.57 32.24
N ASN D 74 14.14 11.41 31.70
N ASN D 74 14.13 11.41 31.71
CA ASN D 74 13.35 12.53 31.16
CA ASN D 74 13.35 12.52 31.16
C ASN D 74 14.12 13.26 30.06
C ASN D 74 14.11 13.25 30.06
N ALA D 75 14.69 12.49 29.14
CA ALA D 75 15.46 13.07 28.05
C ALA D 75 14.57 13.89 27.12
N LYS D 76 15.12 14.99 26.62
CA LYS D 76 14.40 15.87 25.71
C LYS D 76 15.12 16.07 24.38
N ARG D 77 16.44 16.21 24.39
CA ARG D 77 17.23 16.34 23.17
C ARG D 77 18.29 15.24 23.16
N THR D 78 18.32 14.47 22.08
CA THR D 78 19.23 13.34 21.94
C THR D 78 19.96 13.43 20.61
N ILE D 79 21.01 12.61 20.48
CA ILE D 79 21.75 12.45 19.24
C ILE D 79 21.94 10.96 18.98
N GLU D 80 21.73 10.54 17.74
CA GLU D 80 21.81 9.15 17.35
C GLU D 80 22.90 9.01 16.28
N ILE D 81 23.94 8.26 16.59
CA ILE D 81 25.08 8.06 15.71
C ILE D 81 25.09 6.61 15.26
N GLY D 82 24.75 6.38 14.00
CA GLY D 82 24.60 5.02 13.49
C GLY D 82 23.13 4.63 13.45
N VAL D 83 22.45 4.98 12.37
CA VAL D 83 21.00 4.83 12.28
C VAL D 83 20.60 3.52 11.59
N TYR D 84 21.27 3.19 10.49
CA TYR D 84 20.93 2.02 9.67
C TYR D 84 19.47 2.17 9.25
N THR D 85 18.60 1.19 9.48
CA THR D 85 17.21 1.31 9.08
C THR D 85 16.37 2.09 10.08
N GLY D 86 16.91 2.40 11.24
CA GLY D 86 16.26 3.31 12.17
C GLY D 86 15.52 2.68 13.33
N TYR D 87 15.89 1.47 13.75
CA TYR D 87 15.18 0.84 14.86
C TYR D 87 15.40 1.59 16.16
N SER D 88 16.65 1.83 16.52
CA SER D 88 16.93 2.56 17.76
C SER D 88 16.52 4.02 17.64
N LEU D 89 16.58 4.59 16.43
CA LEU D 89 16.12 5.96 16.23
C LEU D 89 14.62 6.06 16.47
N LEU D 90 13.85 5.12 15.90
CA LEU D 90 12.40 5.11 16.13
C LEU D 90 12.09 4.84 17.60
N THR D 91 12.87 3.97 18.24
CA THR D 91 12.71 3.74 19.67
C THR D 91 12.90 5.02 20.46
N THR D 92 13.94 5.79 20.12
CA THR D 92 14.16 7.07 20.79
C THR D 92 13.00 8.04 20.53
N ALA D 93 12.60 8.16 19.27
CA ALA D 93 11.56 9.13 18.92
C ALA D 93 10.24 8.80 19.60
N LEU D 94 9.93 7.51 19.76
CA LEU D 94 8.70 7.13 20.44
C LEU D 94 8.77 7.39 21.93
N ALA D 95 9.98 7.38 22.51
CA ALA D 95 10.12 7.60 23.95
C ALA D 95 10.08 9.07 24.31
N LEU D 96 10.55 9.94 23.42
CA LEU D 96 10.64 11.36 23.73
C LEU D 96 9.26 12.00 23.75
N PRO D 97 9.10 13.13 24.45
CA PRO D 97 7.82 13.85 24.41
C PRO D 97 7.49 14.38 23.03
N GLU D 98 6.31 14.98 22.89
CA GLU D 98 5.87 15.48 21.59
C GLU D 98 6.79 16.56 21.03
N ASP D 99 7.52 17.27 21.87
CA ASP D 99 8.45 18.30 21.43
C ASP D 99 9.91 17.89 21.58
N GLY D 100 10.18 16.59 21.63
CA GLY D 100 11.55 16.13 21.67
C GLY D 100 12.27 16.33 20.35
N LYS D 101 13.60 16.32 20.42
CA LYS D 101 14.44 16.58 19.26
C LYS D 101 15.57 15.56 19.20
N ILE D 102 15.83 15.03 18.01
CA ILE D 102 16.91 14.07 17.80
C ILE D 102 17.75 14.55 16.62
N THR D 103 19.07 14.48 16.78
CA THR D 103 20.01 14.66 15.67
C THR D 103 20.54 13.28 15.31
N ALA D 104 20.16 12.78 14.14
CA ALA D 104 20.54 11.45 13.67
C ALA D 104 21.55 11.57 12.55
N ILE D 105 22.64 10.81 12.67
CA ILE D 105 23.77 10.89 11.73
C ILE D 105 24.08 9.50 11.21
N ASP D 106 24.22 9.37 9.90
CA ASP D 106 24.62 8.11 9.28
C ASP D 106 25.18 8.42 7.89
N VAL D 107 26.18 7.63 7.48
CA VAL D 107 26.79 7.85 6.18
C VAL D 107 25.89 7.41 5.04
N ASN D 108 24.92 6.54 5.31
CA ASN D 108 24.12 5.91 4.27
C ASN D 108 22.64 6.26 4.50
N LYS D 109 22.13 7.20 3.72
CA LYS D 109 20.72 7.57 3.83
C LYS D 109 19.81 6.51 3.21
N SER D 110 20.31 5.70 2.28
CA SER D 110 19.48 4.65 1.69
C SER D 110 19.06 3.61 2.72
N TYR D 111 19.91 3.37 3.73
CA TYR D 111 19.48 2.53 4.85
C TYR D 111 18.33 3.17 5.61
N TYR D 112 18.45 4.47 5.89
CA TYR D 112 17.43 5.20 6.65
C TYR D 112 16.09 5.18 5.91
N GLU D 113 16.13 5.26 4.58
CA GLU D 113 14.89 5.28 3.81
C GLU D 113 14.16 3.94 3.81
N ILE D 114 14.83 2.87 4.23
CA ILE D 114 14.16 1.57 4.35
C ILE D 114 13.13 1.61 5.47
N GLY D 115 13.50 2.20 6.61
CA GLY D 115 12.60 2.25 7.75
C GLY D 115 11.87 3.57 7.91
N LEU D 116 12.23 4.57 7.12
CA LEU D 116 11.59 5.87 7.19
C LEU D 116 10.07 5.83 7.05
N PRO D 117 9.46 5.00 6.19
CA PRO D 117 7.99 4.94 6.17
C PRO D 117 7.38 4.55 7.51
N PHE D 118 8.05 3.69 8.28
CA PHE D 118 7.52 3.31 9.59
C PHE D 118 7.69 4.40 10.62
N ILE D 119 8.79 5.17 10.55
CA ILE D 119 8.95 6.33 11.41
C ILE D 119 7.86 7.35 11.12
N GLN D 120 7.54 7.55 9.83
CA GLN D 120 6.50 8.50 9.45
C GLN D 120 5.13 8.05 9.93
N LYS D 121 4.81 6.76 9.76
CA LYS D 121 3.52 6.26 10.21
C LYS D 121 3.37 6.35 11.72
N ALA D 122 4.49 6.25 12.44
CA ALA D 122 4.46 6.46 13.89
C ALA D 122 4.21 7.92 14.26
N GLY D 123 4.32 8.84 13.31
CA GLY D 123 4.07 10.24 13.57
C GLY D 123 5.16 10.96 14.33
N VAL D 124 6.41 10.52 14.20
CA VAL D 124 7.51 11.06 15.00
C VAL D 124 8.67 11.56 14.12
N GLU D 125 8.46 11.63 12.81
CA GLU D 125 9.54 12.12 11.94
C GLU D 125 9.88 13.58 12.22
N HIS D 126 8.88 14.36 12.64
CA HIS D 126 9.11 15.78 12.90
C HIS D 126 10.15 16.02 13.99
N LYS D 127 10.39 15.04 14.86
CA LYS D 127 11.39 15.17 15.90
C LYS D 127 12.81 14.95 15.40
N ILE D 128 12.98 14.45 14.18
CA ILE D 128 14.26 13.93 13.71
C ILE D 128 14.86 14.89 12.70
N ASN D 129 16.13 15.24 12.91
CA ASN D 129 16.95 15.94 11.93
C ASN D 129 18.01 14.97 11.45
N PHE D 130 17.79 14.35 10.30
CA PHE D 130 18.70 13.36 9.76
C PHE D 130 19.81 14.05 8.97
N ILE D 131 21.05 13.66 9.25
CA ILE D 131 22.22 14.21 8.58
C ILE D 131 22.96 13.04 7.94
N GLU D 132 23.08 13.06 6.61
CA GLU D 132 23.82 12.02 5.88
C GLU D 132 25.28 12.45 5.80
N SER D 133 26.12 11.84 6.62
CA SER D 133 27.53 12.23 6.71
C SER D 133 28.26 11.23 7.59
N GLU D 134 29.59 11.28 7.50
CA GLU D 134 30.42 10.67 8.53
C GLU D 134 30.19 11.42 9.84
N ALA D 135 30.17 10.68 10.94
CA ALA D 135 29.77 11.28 12.22
C ALA D 135 30.84 12.23 12.74
N LEU D 136 32.11 11.91 12.52
CA LEU D 136 33.18 12.70 13.13
C LEU D 136 33.18 14.15 12.69
N PRO D 137 33.09 14.50 11.40
CA PRO D 137 33.04 15.93 11.06
C PRO D 137 31.79 16.64 11.57
N VAL D 138 30.65 15.95 11.62
CA VAL D 138 29.45 16.55 12.18
C VAL D 138 29.63 16.85 13.66
N LEU D 139 30.26 15.93 14.39
CA LEU D 139 30.53 16.17 15.80
C LEU D 139 31.53 17.29 15.99
N ASP D 140 32.53 17.38 15.12
CA ASP D 140 33.49 18.49 15.21
C ASP D 140 32.82 19.82 14.94
N GLN D 141 31.89 19.87 13.98
CA GLN D 141 31.18 21.10 13.69
C GLN D 141 30.21 21.46 14.81
N MET D 142 29.58 20.45 15.43
CA MET D 142 28.71 20.71 16.56
C MET D 142 29.48 21.29 17.73
N LEU D 143 30.71 20.81 17.95
CA LEU D 143 31.53 21.31 19.05
C LEU D 143 31.77 22.81 18.94
N GLU D 144 31.93 23.31 17.72
CA GLU D 144 32.24 24.71 17.51
C GLU D 144 31.00 25.61 17.57
N GLU D 145 29.80 25.03 17.49
CA GLU D 145 28.57 25.79 17.55
C GLU D 145 27.74 25.52 18.80
N MET D 146 28.09 24.49 19.57
CA MET D 146 27.26 24.08 20.71
C MET D 146 27.32 25.12 21.83
N LYS D 147 26.14 25.64 22.20
CA LYS D 147 26.01 26.41 23.42
C LYS D 147 25.67 25.49 24.58
N GLU D 148 26.09 25.88 25.78
CA GLU D 148 25.90 25.02 26.95
C GLU D 148 24.44 24.72 27.20
N GLU D 149 23.54 25.60 26.74
CA GLU D 149 22.11 25.41 26.92
C GLU D 149 21.53 24.36 25.98
N ASP D 150 22.24 24.03 24.90
CA ASP D 150 21.73 23.10 23.90
C ASP D 150 22.37 21.72 23.99
N LEU D 151 23.13 21.46 25.06
CA LEU D 151 23.76 20.16 25.21
C LEU D 151 22.73 19.04 25.21
N TYR D 152 23.12 17.88 24.70
CA TYR D 152 22.21 16.76 24.60
C TYR D 152 22.06 16.05 25.94
N ASP D 153 20.88 15.47 26.16
CA ASP D 153 20.66 14.65 27.34
C ASP D 153 21.20 13.23 27.15
N TYR D 154 21.20 12.74 25.92
CA TYR D 154 21.38 11.32 25.65
C TYR D 154 22.04 11.16 24.29
N ALA D 155 22.99 10.23 24.21
CA ALA D 155 23.70 9.93 22.98
C ALA D 155 23.79 8.42 22.82
N PHE D 156 23.41 7.92 21.65
CA PHE D 156 23.53 6.51 21.30
C PHE D 156 24.55 6.38 20.19
N VAL D 157 25.62 5.65 20.45
CA VAL D 157 26.74 5.49 19.53
C VAL D 157 26.70 4.07 18.98
N ASP D 158 26.53 3.95 17.67
CA ASP D 158 26.37 2.65 17.03
C ASP D 158 26.79 2.70 15.58
N ALA D 159 27.90 3.37 15.30
CA ALA D 159 28.35 3.62 13.93
C ALA D 159 29.65 2.85 13.69
N ASP D 160 30.73 3.50 13.21
CA ASP D 160 31.97 2.81 12.90
C ASP D 160 32.62 2.31 14.19
N LYS D 161 32.71 0.99 14.32
CA LYS D 161 33.21 0.40 15.56
C LYS D 161 34.64 0.83 15.84
N SER D 162 35.46 0.98 14.80
CA SER D 162 36.85 1.38 14.97
C SER D 162 37.01 2.81 15.48
N ASN D 163 35.92 3.59 15.52
CA ASN D 163 36.01 5.02 15.78
C ASN D 163 35.30 5.45 17.06
N TYR D 164 34.94 4.51 17.94
CA TYR D 164 34.21 4.85 19.15
C TYR D 164 35.01 5.79 20.05
N ALA D 165 36.32 5.55 20.15
CA ALA D 165 37.16 6.40 20.99
C ALA D 165 37.18 7.83 20.50
N ASN D 166 37.18 8.02 19.17
CA ASN D 166 37.13 9.37 18.62
C ASN D 166 35.77 10.02 18.88
N TYR D 167 34.68 9.24 18.75
CA TYR D 167 33.36 9.75 19.08
C TYR D 167 33.29 10.18 20.54
N HIS D 168 33.97 9.43 21.41
CA HIS D 168 33.88 9.69 22.85
C HIS D 168 34.46 11.06 23.21
N GLU D 169 35.59 11.43 22.59
CA GLU D 169 36.24 12.68 22.92
C GLU D 169 35.40 13.89 22.54
N ARG D 170 34.49 13.74 21.57
CA ARG D 170 33.57 14.82 21.23
C ARG D 170 32.31 14.78 22.09
N LEU D 171 31.82 13.59 22.41
CA LEU D 171 30.51 13.47 23.03
C LEU D 171 30.53 13.84 24.51
N VAL D 172 31.67 13.65 25.19
CA VAL D 172 31.79 14.10 26.56
C VAL D 172 31.72 15.62 26.66
N LYS D 173 31.86 16.33 25.54
CA LYS D 173 31.68 17.77 25.49
C LYS D 173 30.35 18.18 24.88
N LEU D 174 29.61 17.24 24.26
CA LEU D 174 28.36 17.56 23.61
C LEU D 174 27.14 17.16 24.43
N VAL D 175 27.27 16.23 25.37
CA VAL D 175 26.18 15.86 26.26
C VAL D 175 26.31 16.68 27.53
N ARG D 176 25.17 16.96 28.16
CA ARG D 176 25.15 17.77 29.36
C ARG D 176 25.79 17.02 30.53
N ILE D 177 26.13 17.78 31.57
CA ILE D 177 26.58 17.17 32.81
C ILE D 177 25.43 16.38 33.40
N GLY D 178 25.68 15.11 33.71
CA GLY D 178 24.63 14.20 34.07
C GLY D 178 23.95 13.53 32.90
N GLY D 179 24.30 13.89 31.67
CA GLY D 179 23.75 13.24 30.50
C GLY D 179 24.36 11.87 30.28
N ALA D 180 23.76 11.12 29.36
CA ALA D 180 24.12 9.74 29.12
C ALA D 180 24.72 9.58 27.73
N ILE D 181 25.82 8.81 27.66
CA ILE D 181 26.40 8.36 26.40
C ILE D 181 26.42 6.84 26.43
N LEU D 182 25.81 6.21 25.43
CA LEU D 182 25.69 4.76 25.36
C LEU D 182 26.46 4.26 24.15
N TYR D 183 27.25 3.21 24.37
CA TYR D 183 28.07 2.61 23.32
C TYR D 183 27.58 1.19 23.07
N ASP D 184 27.17 0.92 21.83
CA ASP D 184 26.64 -0.39 21.46
C ASP D 184 27.75 -1.34 21.06
N ASN D 185 27.50 -2.63 21.23
CA ASN D 185 28.37 -3.73 20.82
C ASN D 185 29.68 -3.77 21.59
N THR D 186 29.73 -3.23 22.81
CA THR D 186 30.99 -3.19 23.54
C THR D 186 31.48 -4.56 23.98
N LEU D 187 30.66 -5.61 23.86
CA LEU D 187 31.12 -6.96 24.12
C LEU D 187 31.50 -7.71 22.85
N TRP D 188 31.08 -7.22 21.69
CA TRP D 188 31.44 -7.75 20.38
C TRP D 188 31.29 -9.28 20.34
N TYR D 189 30.06 -9.72 20.62
CA TYR D 189 29.68 -11.12 20.59
C TYR D 189 30.51 -11.97 21.56
N GLY D 190 31.04 -11.35 22.62
CA GLY D 190 31.88 -12.04 23.57
C GLY D 190 33.33 -12.19 23.15
N SER D 191 33.69 -11.77 21.93
CA SER D 191 35.05 -11.96 21.44
C SER D 191 36.06 -11.09 22.18
N VAL D 192 35.60 -10.05 22.88
CA VAL D 192 36.51 -9.18 23.63
C VAL D 192 37.07 -9.84 24.87
N ALA D 193 36.51 -10.98 25.31
CA ALA D 193 36.90 -11.59 26.56
C ALA D 193 38.29 -12.22 26.53
N TYR D 194 38.91 -12.33 25.36
CA TYR D 194 40.20 -12.97 25.23
C TYR D 194 41.18 -12.07 24.50
N PRO D 195 42.47 -12.17 24.82
CA PRO D 195 43.47 -11.39 24.05
C PRO D 195 43.45 -11.68 22.56
N GLU D 196 43.31 -12.96 22.19
CA GLU D 196 43.23 -13.35 20.79
C GLU D 196 41.95 -14.16 20.56
N TYR D 197 41.44 -14.09 19.32
CA TYR D 197 40.20 -14.76 18.96
C TYR D 197 40.27 -15.15 17.49
N PRO D 198 40.54 -16.41 17.18
CA PRO D 198 40.75 -16.81 15.79
C PRO D 198 39.45 -16.81 14.99
N GLY D 199 39.62 -16.81 13.67
CA GLY D 199 38.51 -17.00 12.75
C GLY D 199 37.74 -15.76 12.37
N LEU D 200 38.24 -14.57 12.67
CA LEU D 200 37.49 -13.34 12.43
C LEU D 200 37.84 -12.74 11.07
N HIS D 201 36.86 -12.06 10.49
CA HIS D 201 37.14 -11.20 9.35
C HIS D 201 38.08 -10.08 9.79
N PRO D 202 39.02 -9.65 8.94
CA PRO D 202 39.94 -8.58 9.34
C PRO D 202 39.27 -7.34 9.90
N GLU D 203 38.08 -6.99 9.40
CA GLU D 203 37.35 -5.85 9.97
C GLU D 203 36.81 -6.19 11.35
N GLU D 204 36.39 -7.44 11.56
CA GLU D 204 35.92 -7.85 12.88
C GLU D 204 37.03 -7.79 13.91
N GLU D 205 38.25 -8.19 13.52
CA GLU D 205 39.37 -8.15 14.44
C GLU D 205 39.75 -6.72 14.81
N VAL D 206 39.67 -5.80 13.84
CA VAL D 206 39.93 -4.40 14.11
C VAL D 206 38.94 -3.87 15.14
N ALA D 207 37.65 -4.19 14.94
CA ALA D 207 36.62 -3.77 15.89
C ALA D 207 36.81 -4.42 17.24
N ARG D 208 37.19 -5.71 17.26
CA ARG D 208 37.39 -6.41 18.51
C ARG D 208 38.49 -5.77 19.34
N LEU D 209 39.61 -5.42 18.71
CA LEU D 209 40.70 -4.78 19.43
C LEU D 209 40.30 -3.37 19.87
N SER D 210 39.51 -2.67 19.06
CA SER D 210 39.09 -1.32 19.42
C SER D 210 38.20 -1.35 20.67
N PHE D 211 37.36 -2.36 20.80
CA PHE D 211 36.47 -2.44 21.96
C PHE D 211 37.23 -2.82 23.21
N ARG D 212 38.21 -3.72 23.09
CA ARG D 212 39.04 -4.06 24.25
C ARG D 212 39.79 -2.83 24.76
N ASN D 213 40.28 -1.99 23.85
CA ASN D 213 40.92 -0.75 24.25
C ASN D 213 39.91 0.25 24.78
N LEU D 214 38.72 0.30 24.18
CA LEU D 214 37.70 1.24 24.63
C LEU D 214 37.18 0.87 26.01
N ASN D 215 36.91 -0.42 26.25
CA ASN D 215 36.42 -0.83 27.56
C ASN D 215 37.43 -0.55 28.65
N THR D 216 38.71 -0.74 28.36
CA THR D 216 39.75 -0.40 29.34
C THR D 216 39.82 1.10 29.58
N PHE D 217 39.71 1.89 28.51
CA PHE D 217 39.77 3.35 28.66
C PHE D 217 38.59 3.88 29.44
N LEU D 218 37.37 3.52 29.03
CA LEU D 218 36.17 4.02 29.70
C LEU D 218 36.15 3.63 31.18
N ALA D 219 36.72 2.47 31.52
CA ALA D 219 36.77 2.06 32.91
C ALA D 219 37.69 2.93 33.76
N ALA D 220 38.58 3.70 33.13
CA ALA D 220 39.49 4.57 33.86
C ALA D 220 39.26 6.05 33.55
N ASP D 221 38.34 6.37 32.65
CA ASP D 221 38.04 7.75 32.30
C ASP D 221 37.39 8.47 33.48
N PRO D 222 38.07 9.42 34.11
CA PRO D 222 37.47 10.09 35.28
C PRO D 222 36.36 11.06 34.93
N ARG D 223 36.19 11.41 33.66
CA ARG D 223 35.14 12.34 33.27
C ARG D 223 33.76 11.74 33.37
N VAL D 224 33.64 10.40 33.43
CA VAL D 224 32.35 9.74 33.41
C VAL D 224 32.33 8.60 34.42
N GLU D 225 31.12 8.24 34.83
N GLU D 225 31.11 8.26 34.84
CA GLU D 225 30.86 6.98 35.50
CA GLU D 225 30.81 6.99 35.49
C GLU D 225 30.21 6.02 34.50
C GLU D 225 30.26 6.04 34.43
N ILE D 226 30.58 4.75 34.57
CA ILE D 226 30.20 3.77 33.56
C ILE D 226 29.44 2.61 34.19
N SER D 227 28.74 1.88 33.32
CA SER D 227 28.15 0.58 33.66
C SER D 227 28.02 -0.19 32.36
N GLN D 228 28.79 -1.27 32.23
CA GLN D 228 28.69 -2.15 31.06
C GLN D 228 27.61 -3.17 31.31
N VAL D 229 26.62 -3.23 30.41
CA VAL D 229 25.43 -4.05 30.59
C VAL D 229 25.45 -5.16 29.55
N SER D 230 25.27 -6.40 30.00
CA SER D 230 25.33 -7.57 29.12
C SER D 230 23.97 -7.83 28.47
N ILE D 231 23.48 -6.82 27.76
CA ILE D 231 22.24 -6.91 27.02
C ILE D 231 22.56 -6.71 25.54
N GLY D 232 21.85 -7.46 24.69
CA GLY D 232 22.08 -7.35 23.26
C GLY D 232 23.45 -7.89 22.92
N ASP D 233 24.29 -7.03 22.35
CA ASP D 233 25.71 -7.32 22.15
C ASP D 233 26.58 -6.57 23.16
N GLY D 234 26.00 -6.17 24.29
CA GLY D 234 26.73 -5.39 25.26
C GLY D 234 26.56 -3.90 25.04
N VAL D 235 26.08 -3.20 26.07
CA VAL D 235 25.92 -1.75 26.03
C VAL D 235 26.65 -1.16 27.23
N THR D 236 27.47 -0.15 26.99
CA THR D 236 28.17 0.57 28.05
C THR D 236 27.50 1.93 28.21
N ILE D 237 26.87 2.16 29.35
CA ILE D 237 26.28 3.44 29.68
C ILE D 237 27.33 4.30 30.38
N CYS D 238 27.50 5.53 29.90
CA CYS D 238 28.36 6.50 30.56
C CYS D 238 27.55 7.73 30.95
N ARG D 239 27.85 8.28 32.13
CA ARG D 239 27.20 9.47 32.64
C ARG D 239 28.27 10.53 32.88
N ARG D 240 28.12 11.68 32.22
CA ARG D 240 29.13 12.73 32.32
C ARG D 240 29.13 13.36 33.70
N LEU D 241 30.31 13.40 34.33
CA LEU D 241 30.45 13.97 35.67
C LEU D 241 30.78 15.45 35.63
N TYR D 242 31.65 15.87 34.72
CA TYR D 242 32.01 17.27 34.60
C TYR D 242 32.46 17.61 33.18
#